data_6II6
#
_entry.id   6II6
#
_cell.length_a   53.293
_cell.length_b   117.523
_cell.length_c   186.348
_cell.angle_alpha   90.00
_cell.angle_beta   90.00
_cell.angle_gamma   90.00
#
_symmetry.space_group_name_H-M   'P 21 21 21'
#
loop_
_entity.id
_entity.type
_entity.pdbx_description
1 polymer 'Putative RTX-toxin'
2 polymer 'ADP-ribosylation factor 3'
3 non-polymer "GUANOSINE-5'-TRIPHOSPHATE"
4 non-polymer 'MAGNESIUM ION'
5 water water
#
loop_
_entity_poly.entity_id
_entity_poly.type
_entity_poly.pdbx_seq_one_letter_code
_entity_poly.pdbx_strand_id
1 'polypeptide(L)'
;GA(MSE)GLEKDFKRYGDALKPDTSVPGKSKDIRTTKDFLNGYKNDHAKEIVDGFRSD(MSE)SIKQLVDLFVKGSWSAE
QKGALAWEIESRALKVTFQNKSEKYNRLFREIASAGVVDAKATEQLAPQL(MSE)LLNLSNDGFGGRSDPLSKLVLVAKQ
LENDGQVGVARQLLEK(MSE)YSAAAVLSNPTLYSDSENANASKLLSSLAAIHAKNP(MSE)HDTS(MSE)KVWQEKLEG
KQALTVNGVVEKITDASANGKPVLLELDAPGHA(MSE)AAWAKGSGDDRVYGFYDPNAGIVEFSSAEKFGDYLTRFFGKS
DLN(MSE)AQSYKLGKNDAGEAIFNRVVV(MSE)DGNTLASYKPTFGDKTT(MSE)QGILDLPVFDATP(MSE)KKPGTS
DVDGNAKAVDDTKEA
;
A,B
2 'polypeptide(L)'
;MGKKEMRILMVGLDAAGKTTILYKLKLGEIVTTIPTIGFNVETVEYKNISFTVWDVGGLDKIRPLWRHYFQNTQGLIFVV
DSNDRERVNEAREELMRMLAEDELRDAVLLVFANKQDLPNAMNAAEITDKLGLHSLRHRNWYIQATCATSGDGLYEGLDW
LANQLEHHHHHH
;
C,D
#
# COMPACT_ATOMS: atom_id res chain seq x y z
N GLY A 4 -5.78 -27.07 -4.40
CA GLY A 4 -5.34 -28.45 -4.21
C GLY A 4 -4.43 -28.63 -3.01
N LEU A 5 -3.44 -27.74 -2.88
CA LEU A 5 -2.50 -27.74 -1.74
C LEU A 5 -3.21 -27.63 -0.41
N GLU A 6 -4.14 -26.69 -0.27
CA GLU A 6 -4.84 -26.50 0.99
C GLU A 6 -5.64 -27.75 1.34
N LYS A 7 -6.32 -28.32 0.36
CA LYS A 7 -7.07 -29.57 0.59
C LYS A 7 -6.14 -30.71 0.97
N ASP A 8 -5.04 -30.84 0.24
CA ASP A 8 -4.10 -31.95 0.51
C ASP A 8 -3.41 -31.79 1.86
N PHE A 9 -3.07 -30.55 2.20
CA PHE A 9 -2.37 -30.27 3.45
C PHE A 9 -3.28 -30.46 4.66
N LYS A 10 -4.59 -30.31 4.44
CA LYS A 10 -5.60 -30.59 5.46
C LYS A 10 -5.94 -32.08 5.62
N ARG A 11 -5.91 -32.81 4.51
CA ARG A 11 -6.03 -34.27 4.52
C ARG A 11 -4.85 -34.87 5.34
N TYR A 12 -3.66 -34.42 4.99
CA TYR A 12 -2.46 -34.78 5.70
C TYR A 12 -2.59 -34.47 7.18
N GLY A 13 -3.04 -33.27 7.51
CA GLY A 13 -3.19 -32.87 8.90
C GLY A 13 -4.16 -33.75 9.68
N ASP A 14 -5.30 -34.08 9.07
CA ASP A 14 -6.27 -34.98 9.70
C ASP A 14 -5.67 -36.34 10.02
N ALA A 15 -4.78 -36.81 9.14
CA ALA A 15 -4.19 -38.12 9.29
C ALA A 15 -3.13 -38.18 10.41
N LEU A 16 -2.64 -37.03 10.86
CA LEU A 16 -1.77 -36.94 12.06
C LEU A 16 -2.49 -36.88 13.41
N LYS A 17 -3.72 -36.35 13.45
CA LYS A 17 -4.53 -36.37 14.69
C LYS A 17 -5.72 -37.23 14.28
N PRO A 18 -5.62 -38.54 14.54
CA PRO A 18 -6.62 -39.45 14.03
C PRO A 18 -7.67 -39.84 15.09
N ASP A 19 -8.73 -40.53 14.66
CA ASP A 19 -9.92 -40.78 15.50
C ASP A 19 -9.77 -41.93 16.51
N THR A 20 -8.60 -42.57 16.53
CA THR A 20 -8.22 -43.57 17.55
C THR A 20 -7.86 -42.98 18.95
N SER A 21 -8.01 -41.66 19.12
CA SER A 21 -7.84 -41.00 20.42
C SER A 21 -8.46 -39.61 20.37
N VAL A 22 -9.78 -39.56 20.15
CA VAL A 22 -10.43 -38.36 19.66
C VAL A 22 -10.04 -37.03 20.39
N PRO A 23 -10.11 -37.06 21.69
CA PRO A 23 -9.91 -35.87 22.51
C PRO A 23 -8.63 -35.10 22.29
N GLY A 24 -8.72 -33.77 22.16
CA GLY A 24 -7.52 -32.98 21.98
C GLY A 24 -6.93 -32.86 23.37
N LYS A 25 -6.77 -34.04 23.98
CA LYS A 25 -6.23 -34.28 25.30
C LYS A 25 -5.21 -35.42 25.35
N SER A 26 -5.29 -36.34 24.40
CA SER A 26 -4.29 -37.41 24.19
C SER A 26 -2.99 -36.84 23.60
N LYS A 27 -1.88 -37.51 23.90
CA LYS A 27 -0.55 -37.12 23.39
C LYS A 27 -0.55 -37.02 21.86
N ASP A 28 -0.13 -35.87 21.35
CA ASP A 28 -0.05 -35.73 19.92
C ASP A 28 1.22 -36.44 19.38
N ILE A 29 1.07 -37.10 18.24
CA ILE A 29 2.15 -37.95 17.71
C ILE A 29 3.45 -37.17 17.39
N ARG A 30 3.31 -35.86 17.13
CA ARG A 30 4.42 -34.98 16.82
C ARG A 30 5.34 -34.75 18.02
N THR A 31 4.86 -35.09 19.21
CA THR A 31 5.70 -35.00 20.39
C THR A 31 6.48 -36.28 20.63
N THR A 32 6.16 -37.36 19.95
CA THR A 32 6.74 -38.63 20.32
C THR A 32 8.11 -38.82 19.77
N LYS A 33 8.93 -39.54 20.52
CA LYS A 33 10.30 -39.73 20.16
C LYS A 33 10.40 -40.42 18.78
N ASP A 34 9.52 -41.38 18.50
CA ASP A 34 9.60 -42.09 17.23
C ASP A 34 9.37 -41.21 15.99
N PHE A 35 8.34 -40.38 16.05
CA PHE A 35 8.00 -39.47 14.96
C PHE A 35 9.13 -38.49 14.75
N LEU A 36 9.62 -37.93 15.85
CA LEU A 36 10.71 -36.99 15.82
C LEU A 36 12.02 -37.57 15.30
N ASN A 37 12.33 -38.84 15.61
CA ASN A 37 13.45 -39.55 14.92
C ASN A 37 13.20 -39.71 13.42
N GLY A 38 11.92 -39.82 13.04
CA GLY A 38 11.58 -40.01 11.64
C GLY A 38 11.75 -38.76 10.80
N TYR A 39 11.51 -37.63 11.45
CA TYR A 39 11.31 -36.38 10.77
C TYR A 39 12.65 -35.81 10.44
N LYS A 40 13.14 -36.11 9.23
CA LYS A 40 14.37 -35.57 8.76
C LYS A 40 14.52 -35.85 7.27
N ASN A 41 15.39 -35.09 6.64
CA ASN A 41 15.70 -35.26 5.23
C ASN A 41 16.31 -36.62 4.91
N ASP A 42 16.06 -37.09 3.69
CA ASP A 42 16.72 -38.25 3.15
C ASP A 42 16.47 -39.50 3.95
N HIS A 43 15.30 -39.56 4.55
CA HIS A 43 14.95 -40.67 5.45
C HIS A 43 13.79 -41.52 4.92
N ALA A 44 12.81 -40.92 4.27
CA ALA A 44 11.71 -41.66 3.66
C ALA A 44 12.24 -42.65 2.60
N LYS A 45 13.27 -42.28 1.85
CA LYS A 45 13.79 -43.19 0.84
C LYS A 45 14.41 -44.45 1.47
N GLU A 46 14.80 -44.38 2.74
CA GLU A 46 15.37 -45.55 3.44
C GLU A 46 14.34 -46.42 4.12
N ILE A 47 13.21 -45.85 4.55
CA ILE A 47 12.28 -46.60 5.39
C ILE A 47 10.81 -46.71 4.96
N VAL A 48 10.44 -46.07 3.85
CA VAL A 48 9.03 -46.01 3.45
C VAL A 48 8.88 -46.62 2.08
N ASP A 49 8.34 -47.83 2.05
CA ASP A 49 7.99 -48.53 0.80
C ASP A 49 7.08 -47.72 -0.08
N GLY A 50 7.48 -47.58 -1.33
CA GLY A 50 6.66 -46.88 -2.30
C GLY A 50 7.01 -45.42 -2.42
N PHE A 51 7.82 -44.90 -1.49
CA PHE A 51 8.29 -43.52 -1.62
C PHE A 51 9.20 -43.33 -2.80
N ARG A 52 8.99 -42.22 -3.53
CA ARG A 52 9.90 -41.78 -4.58
C ARG A 52 10.08 -40.27 -4.46
N SER A 53 11.29 -39.78 -4.69
CA SER A 53 11.59 -38.38 -4.41
C SER A 53 10.99 -37.43 -5.43
N ASP A 54 10.60 -37.95 -6.59
CA ASP A 54 9.95 -37.13 -7.60
C ASP A 54 8.45 -36.97 -7.37
N SER A 56 4.89 -35.65 -6.20
CA SER A 56 4.22 -34.41 -5.81
C SER A 56 3.73 -34.48 -4.37
N ILE A 57 3.29 -33.34 -3.88
CA ILE A 57 2.69 -33.28 -2.57
C ILE A 57 1.52 -34.22 -2.48
N LYS A 58 0.60 -34.08 -3.43
CA LYS A 58 -0.62 -34.93 -3.48
C LYS A 58 -0.29 -36.43 -3.48
N GLN A 59 0.69 -36.85 -4.27
CA GLN A 59 1.12 -38.24 -4.25
C GLN A 59 1.70 -38.67 -2.88
N LEU A 60 2.47 -37.78 -2.25
CA LEU A 60 2.99 -38.05 -0.90
C LEU A 60 1.89 -38.18 0.11
N VAL A 61 0.90 -37.27 0.04
CA VAL A 61 -0.24 -37.33 0.95
C VAL A 61 -1.10 -38.58 0.66
N ASP A 62 -1.20 -38.98 -0.60
CA ASP A 62 -1.88 -40.25 -0.94
C ASP A 62 -1.12 -41.41 -0.25
N LEU A 63 0.19 -41.45 -0.46
CA LEU A 63 1.05 -42.46 0.17
C LEU A 63 0.85 -42.49 1.67
N PHE A 64 0.84 -41.32 2.29
CA PHE A 64 0.62 -41.22 3.73
C PHE A 64 -0.71 -41.85 4.14
N VAL A 65 -1.81 -41.43 3.53
CA VAL A 65 -3.14 -41.79 4.06
C VAL A 65 -3.56 -43.19 3.67
N LYS A 66 -3.02 -43.74 2.59
CA LYS A 66 -3.39 -45.08 2.12
C LYS A 66 -2.67 -46.18 2.89
N GLY A 67 -1.58 -45.84 3.58
CA GLY A 67 -0.64 -46.86 4.07
C GLY A 67 -0.89 -47.30 5.50
N SER A 68 -0.09 -48.24 5.94
CA SER A 68 -0.05 -48.62 7.35
C SER A 68 1.35 -48.33 7.91
N TRP A 69 1.49 -47.21 8.63
CA TRP A 69 2.84 -46.67 8.93
C TRP A 69 3.10 -46.61 10.44
N SER A 70 4.34 -46.91 10.82
CA SER A 70 4.81 -46.62 12.19
C SER A 70 4.89 -45.11 12.39
N ALA A 71 4.96 -44.68 13.64
CA ALA A 71 5.25 -43.28 13.95
C ALA A 71 6.54 -42.73 13.26
N GLU A 72 7.59 -43.53 13.21
CA GLU A 72 8.82 -43.12 12.52
C GLU A 72 8.62 -42.94 11.02
N GLN A 73 7.97 -43.89 10.37
CA GLN A 73 7.63 -43.75 8.98
C GLN A 73 6.72 -42.53 8.74
N LYS A 74 5.76 -42.30 9.63
CA LYS A 74 4.96 -41.09 9.52
C LYS A 74 5.80 -39.78 9.61
N GLY A 75 6.84 -39.79 10.45
CA GLY A 75 7.70 -38.62 10.62
C GLY A 75 8.48 -38.36 9.37
N ALA A 76 8.98 -39.43 8.75
CA ALA A 76 9.78 -39.27 7.52
C ALA A 76 8.92 -38.69 6.40
N LEU A 77 7.73 -39.24 6.24
CA LEU A 77 6.78 -38.70 5.25
C LEU A 77 6.33 -37.29 5.57
N ALA A 78 6.03 -37.00 6.83
CA ALA A 78 5.74 -35.64 7.24
C ALA A 78 6.85 -34.66 6.86
N TRP A 79 8.10 -35.05 7.00
CA TRP A 79 9.24 -34.20 6.62
C TRP A 79 9.18 -33.92 5.12
N GLU A 80 8.92 -34.95 4.34
CA GLU A 80 8.86 -34.80 2.87
C GLU A 80 7.68 -33.95 2.39
N ILE A 81 6.54 -34.09 3.05
CA ILE A 81 5.34 -33.35 2.68
C ILE A 81 5.54 -31.90 3.10
N GLU A 82 5.96 -31.69 4.35
CA GLU A 82 6.14 -30.33 4.85
C GLU A 82 7.22 -29.52 4.14
N SER A 83 8.36 -30.13 3.88
CA SER A 83 9.41 -29.59 3.02
C SER A 83 8.88 -29.03 1.69
N ARG A 84 8.14 -29.86 0.96
CA ARG A 84 7.57 -29.40 -0.29
C ARG A 84 6.51 -28.34 -0.11
N ALA A 85 5.69 -28.47 0.91
CA ALA A 85 4.65 -27.49 1.11
C ALA A 85 5.25 -26.11 1.41
N LEU A 86 6.26 -26.09 2.28
CA LEU A 86 6.96 -24.85 2.62
C LEU A 86 7.72 -24.28 1.40
N LYS A 87 8.27 -25.15 0.61
CA LYS A 87 8.93 -24.73 -0.60
C LYS A 87 7.94 -23.97 -1.52
N VAL A 88 6.70 -24.43 -1.58
CA VAL A 88 5.69 -23.79 -2.43
C VAL A 88 5.15 -22.46 -1.90
N THR A 89 5.14 -22.29 -0.58
CA THR A 89 4.44 -21.19 0.06
C THR A 89 5.31 -20.10 0.72
N PHE A 90 6.51 -20.45 1.18
CA PHE A 90 7.17 -19.54 2.11
C PHE A 90 7.59 -18.22 1.43
N GLN A 91 8.06 -18.27 0.17
CA GLN A 91 8.40 -17.04 -0.56
C GLN A 91 7.20 -16.12 -0.82
N ASN A 92 6.05 -16.70 -1.17
CA ASN A 92 4.79 -15.96 -1.31
C ASN A 92 4.45 -15.22 -0.03
N LYS A 93 4.49 -15.94 1.08
CA LYS A 93 4.16 -15.38 2.38
C LYS A 93 5.12 -14.24 2.79
N SER A 94 6.42 -14.49 2.68
CA SER A 94 7.46 -13.48 2.97
C SER A 94 7.28 -12.22 2.14
N GLU A 95 6.98 -12.38 0.87
CA GLU A 95 6.75 -11.24 0.00
C GLU A 95 5.61 -10.39 0.55
N LYS A 96 4.59 -11.07 1.03
CA LYS A 96 3.39 -10.43 1.53
C LYS A 96 3.71 -9.63 2.79
N TYR A 97 4.47 -10.23 3.71
CA TYR A 97 4.83 -9.54 4.96
C TYR A 97 5.72 -8.34 4.66
N ASN A 98 6.68 -8.53 3.77
CA ASN A 98 7.55 -7.44 3.40
C ASN A 98 6.81 -6.26 2.73
N ARG A 99 5.85 -6.56 1.87
CA ARG A 99 5.07 -5.49 1.23
C ARG A 99 4.31 -4.63 2.23
N LEU A 100 3.80 -5.24 3.28
CA LEU A 100 3.07 -4.49 4.29
C LEU A 100 4.04 -3.62 5.08
N PHE A 101 5.17 -4.20 5.54
CA PHE A 101 6.25 -3.44 6.19
C PHE A 101 6.70 -2.26 5.36
N ARG A 102 6.98 -2.48 4.08
CA ARG A 102 7.62 -1.44 3.30
C ARG A 102 6.64 -0.31 2.99
N GLU A 103 5.40 -0.68 2.76
CA GLU A 103 4.34 0.29 2.56
C GLU A 103 4.18 1.22 3.73
N ILE A 104 4.16 0.68 4.95
CA ILE A 104 4.03 1.52 6.16
C ILE A 104 5.27 2.34 6.39
N ALA A 105 6.44 1.70 6.34
CA ALA A 105 7.72 2.39 6.52
C ALA A 105 7.90 3.55 5.53
N SER A 106 7.48 3.33 4.29
CA SER A 106 7.69 4.32 3.23
C SER A 106 6.61 5.40 3.14
N ALA A 107 5.50 5.28 3.87
CA ALA A 107 4.34 6.22 3.68
C ALA A 107 4.57 7.55 4.39
N GLY A 108 4.02 8.64 3.86
CA GLY A 108 4.15 9.96 4.53
C GLY A 108 5.58 10.36 4.80
N VAL A 109 5.93 10.68 6.05
CA VAL A 109 7.34 10.82 6.43
C VAL A 109 7.96 9.44 6.67
N VAL A 110 8.92 9.10 5.82
CA VAL A 110 9.60 7.83 5.89
C VAL A 110 10.21 7.64 7.29
N ASP A 111 10.01 6.45 7.86
CA ASP A 111 10.72 6.05 9.05
C ASP A 111 12.04 5.43 8.59
N ALA A 112 13.11 6.21 8.71
CA ALA A 112 14.41 5.80 8.23
C ALA A 112 15.01 4.71 9.10
N LYS A 113 14.52 4.54 10.34
CA LYS A 113 15.05 3.53 11.25
C LYS A 113 14.23 2.25 11.29
N ALA A 114 13.25 2.14 10.41
CA ALA A 114 12.38 0.99 10.36
C ALA A 114 13.17 -0.18 9.85
N THR A 115 13.00 -1.36 10.44
CA THR A 115 13.75 -2.52 9.99
C THR A 115 12.87 -3.74 9.98
N GLU A 116 13.19 -4.64 9.07
CA GLU A 116 12.54 -5.94 9.03
C GLU A 116 13.56 -7.03 8.86
N GLN A 117 13.40 -8.16 9.55
CA GLN A 117 14.29 -9.31 9.40
C GLN A 117 13.39 -10.53 9.38
N LEU A 118 13.29 -11.18 8.23
CA LEU A 118 12.38 -12.32 8.12
C LEU A 118 13.16 -13.61 8.38
N ALA A 119 12.54 -14.50 9.17
CA ALA A 119 13.14 -15.77 9.53
C ALA A 119 12.04 -16.78 9.83
N PRO A 120 11.34 -17.27 8.78
CA PRO A 120 10.10 -18.00 9.07
C PRO A 120 10.37 -19.34 9.74
N GLN A 121 9.84 -19.53 10.97
CA GLN A 121 10.28 -20.66 11.82
C GLN A 121 9.98 -22.04 11.21
N LEU A 122 8.87 -22.17 10.48
CA LEU A 122 8.42 -23.48 10.02
C LEU A 122 9.38 -24.00 8.99
N LEU A 124 12.62 -22.94 8.71
CA LEU A 124 13.95 -23.18 9.30
C LEU A 124 13.95 -24.41 10.16
N LEU A 125 12.84 -24.65 10.86
CA LEU A 125 12.76 -25.83 11.73
C LEU A 125 12.63 -27.15 10.93
N ASN A 126 11.94 -27.12 9.78
CA ASN A 126 11.93 -28.27 8.85
C ASN A 126 13.31 -28.57 8.30
N LEU A 127 14.02 -27.54 7.85
CA LEU A 127 15.46 -27.70 7.50
C LEU A 127 16.36 -28.21 8.63
N SER A 128 16.03 -27.86 9.86
CA SER A 128 16.79 -28.32 11.02
C SER A 128 16.33 -29.70 11.48
N ASN A 129 15.48 -30.38 10.70
CA ASN A 129 14.97 -31.73 11.04
C ASN A 129 14.33 -31.78 12.42
N ASP A 130 13.60 -30.73 12.75
CA ASP A 130 12.83 -30.66 14.01
C ASP A 130 11.36 -30.73 13.71
N GLY A 131 10.77 -31.86 14.07
CA GLY A 131 9.43 -32.18 13.64
C GLY A 131 8.33 -31.88 14.63
N PHE A 132 8.66 -31.22 15.72
CA PHE A 132 7.70 -30.95 16.79
C PHE A 132 6.50 -30.11 16.28
N GLY A 133 6.74 -29.28 15.27
CA GLY A 133 5.68 -28.53 14.59
C GLY A 133 5.67 -27.03 14.86
N GLY A 134 6.72 -26.51 15.48
CA GLY A 134 6.78 -25.07 15.80
C GLY A 134 7.36 -24.82 17.17
N ARG A 135 8.12 -23.75 17.31
CA ARG A 135 8.59 -23.31 18.61
C ARG A 135 8.33 -21.82 18.66
N SER A 136 7.06 -21.44 18.63
CA SER A 136 6.71 -20.03 18.72
C SER A 136 6.83 -19.45 20.15
N ASP A 137 6.53 -20.27 21.13
CA ASP A 137 6.56 -19.86 22.55
C ASP A 137 8.02 -19.71 23.05
N PRO A 138 8.85 -20.75 22.89
CA PRO A 138 10.25 -20.54 23.23
C PRO A 138 10.91 -19.36 22.52
N LEU A 139 10.64 -19.23 21.22
CA LEU A 139 11.29 -18.21 20.44
C LEU A 139 10.78 -16.84 20.89
N SER A 140 9.47 -16.71 21.08
CA SER A 140 8.93 -15.44 21.53
C SER A 140 9.55 -15.01 22.85
N LYS A 141 9.70 -15.95 23.78
CA LYS A 141 10.35 -15.65 25.06
C LYS A 141 11.81 -15.26 24.94
N LEU A 142 12.55 -15.97 24.12
CA LEU A 142 13.93 -15.61 23.86
C LEU A 142 14.05 -14.22 23.27
N VAL A 143 13.13 -13.85 22.38
CA VAL A 143 13.20 -12.53 21.77
C VAL A 143 12.90 -11.42 22.79
N LEU A 144 11.98 -11.67 23.74
CA LEU A 144 11.70 -10.69 24.77
C LEU A 144 12.90 -10.48 25.70
N VAL A 145 13.61 -11.58 26.03
CA VAL A 145 14.85 -11.49 26.80
C VAL A 145 15.84 -10.68 26.03
N ALA A 146 15.97 -10.95 24.73
CA ALA A 146 16.89 -10.21 23.88
C ALA A 146 16.63 -8.71 23.89
N LYS A 147 15.36 -8.33 23.95
CA LYS A 147 15.00 -6.92 23.91
C LYS A 147 15.18 -6.24 25.28
N GLN A 148 14.98 -6.98 26.37
CA GLN A 148 15.49 -6.57 27.70
C GLN A 148 16.99 -6.30 27.68
N LEU A 149 17.74 -7.25 27.12
CA LEU A 149 19.18 -7.08 27.05
C LEU A 149 19.59 -5.89 26.18
N GLU A 150 18.81 -5.64 25.14
CA GLU A 150 19.14 -4.56 24.20
C GLU A 150 18.75 -3.23 24.85
N ASN A 151 17.64 -3.22 25.59
CA ASN A 151 17.24 -2.02 26.33
C ASN A 151 18.37 -1.57 27.29
N ASP A 152 19.02 -2.54 27.92
CA ASP A 152 20.09 -2.26 28.86
C ASP A 152 21.46 -2.01 28.20
N GLY A 153 21.54 -2.17 26.88
CA GLY A 153 22.67 -1.69 26.12
C GLY A 153 23.37 -2.66 25.19
N GLN A 154 23.00 -3.94 25.20
CA GLN A 154 23.57 -4.91 24.24
C GLN A 154 23.02 -4.62 22.86
N VAL A 155 23.76 -4.98 21.82
CA VAL A 155 23.35 -4.65 20.47
C VAL A 155 23.15 -5.93 19.69
N GLY A 156 22.07 -5.99 18.92
CA GLY A 156 21.85 -7.06 17.97
C GLY A 156 21.70 -8.46 18.52
N VAL A 157 21.12 -8.59 19.70
CA VAL A 157 20.92 -9.90 20.30
C VAL A 157 19.80 -10.70 19.61
N ALA A 158 18.65 -10.07 19.38
CA ALA A 158 17.53 -10.75 18.70
C ALA A 158 17.92 -11.02 17.24
N ARG A 159 18.57 -10.04 16.61
CA ARG A 159 19.06 -10.21 15.24
C ARG A 159 19.90 -11.48 15.11
N GLN A 160 20.79 -11.72 16.08
CA GLN A 160 21.74 -12.82 15.97
C GLN A 160 21.09 -14.14 16.31
N LEU A 161 20.08 -14.14 17.18
CA LEU A 161 19.29 -15.33 17.41
C LEU A 161 18.73 -15.82 16.10
N LEU A 162 18.14 -14.89 15.33
CA LEU A 162 17.47 -15.24 14.09
C LEU A 162 18.49 -15.70 13.03
N GLU A 163 19.64 -15.06 12.98
CA GLU A 163 20.74 -15.52 12.13
C GLU A 163 21.19 -16.93 12.49
N LYS A 164 21.19 -17.24 13.78
CA LYS A 164 21.63 -18.54 14.25
C LYS A 164 20.64 -19.65 13.93
N TYR A 166 19.02 -19.58 11.02
CA TYR A 166 19.53 -19.89 9.64
C TYR A 166 20.77 -20.77 9.65
N SER A 167 21.72 -20.47 10.51
CA SER A 167 22.98 -21.17 10.54
C SER A 167 22.79 -22.61 10.98
N ALA A 168 21.97 -22.82 11.99
CA ALA A 168 21.65 -24.15 12.45
C ALA A 168 20.95 -24.97 11.37
N ALA A 169 20.07 -24.33 10.61
CA ALA A 169 19.38 -25.00 9.54
C ALA A 169 20.37 -25.42 8.42
N ALA A 170 21.36 -24.55 8.10
CA ALA A 170 22.39 -24.90 7.12
C ALA A 170 23.20 -26.11 7.63
N VAL A 171 23.55 -26.10 8.90
CA VAL A 171 24.36 -27.16 9.48
C VAL A 171 23.62 -28.48 9.54
N LEU A 172 22.39 -28.47 10.02
CA LEU A 172 21.67 -29.68 10.24
C LEU A 172 21.16 -30.35 8.95
N SER A 173 20.94 -29.56 7.92
CA SER A 173 20.50 -30.08 6.65
C SER A 173 21.71 -30.69 5.89
N ASN A 174 22.94 -30.21 6.15
CA ASN A 174 24.13 -30.64 5.38
C ASN A 174 25.28 -30.94 6.35
N PRO A 175 25.12 -31.95 7.22
CA PRO A 175 26.02 -32.15 8.35
C PRO A 175 27.49 -32.44 8.01
N THR A 176 27.73 -33.10 6.88
CA THR A 176 29.10 -33.46 6.47
C THR A 176 29.93 -32.25 6.01
N LEU A 177 29.31 -31.07 5.82
CA LEU A 177 30.07 -29.90 5.41
C LEU A 177 30.66 -29.13 6.59
N TYR A 178 30.30 -29.53 7.80
CA TYR A 178 30.68 -28.75 9.00
C TYR A 178 31.37 -29.65 9.99
N SER A 179 32.08 -29.07 10.93
CA SER A 179 32.83 -29.85 11.91
C SER A 179 31.88 -30.54 12.90
N ASP A 180 32.39 -31.51 13.65
CA ASP A 180 31.61 -32.16 14.70
C ASP A 180 31.16 -31.13 15.73
N SER A 181 32.02 -30.17 15.99
CA SER A 181 31.73 -29.13 16.95
C SER A 181 30.54 -28.23 16.53
N GLU A 182 30.52 -27.86 15.25
CA GLU A 182 29.39 -27.11 14.67
C GLU A 182 28.07 -27.87 14.66
N ASN A 183 28.13 -29.15 14.32
CA ASN A 183 26.99 -30.03 14.41
C ASN A 183 26.43 -30.14 15.80
N ALA A 184 27.30 -30.35 16.77
CA ALA A 184 26.89 -30.34 18.17
C ALA A 184 26.30 -28.97 18.63
N ASN A 185 26.88 -27.90 18.13
CA ASN A 185 26.37 -26.55 18.47
C ASN A 185 24.96 -26.36 17.96
N ALA A 186 24.73 -26.69 16.70
CA ALA A 186 23.39 -26.57 16.09
C ALA A 186 22.35 -27.37 16.80
N SER A 187 22.68 -28.62 17.11
CA SER A 187 21.78 -29.46 17.87
C SER A 187 21.47 -28.89 19.24
N LYS A 188 22.47 -28.30 19.87
CA LYS A 188 22.30 -27.76 21.22
C LYS A 188 21.41 -26.51 21.22
N LEU A 189 21.54 -25.69 20.20
CA LEU A 189 20.58 -24.61 20.03
C LEU A 189 19.12 -25.11 20.01
N LEU A 190 18.85 -26.14 19.21
CA LEU A 190 17.50 -26.67 19.08
C LEU A 190 17.01 -27.40 20.33
N SER A 191 17.87 -28.17 20.99
CA SER A 191 17.45 -28.80 22.23
C SER A 191 17.21 -27.77 23.36
N SER A 192 17.80 -26.57 23.26
CA SER A 192 17.46 -25.48 24.18
C SER A 192 16.04 -24.96 24.00
N LEU A 193 15.58 -24.83 22.76
CA LEU A 193 14.17 -24.53 22.52
C LEU A 193 13.25 -25.58 23.12
N ALA A 194 13.61 -26.85 22.95
CA ALA A 194 12.85 -27.96 23.56
C ALA A 194 12.87 -27.94 25.09
N ALA A 195 14.03 -27.61 25.69
CA ALA A 195 14.12 -27.48 27.14
C ALA A 195 13.17 -26.41 27.64
N ILE A 196 13.06 -25.31 26.90
CA ILE A 196 12.22 -24.19 27.32
C ILE A 196 10.74 -24.59 27.29
N HIS A 197 10.37 -25.39 26.30
CA HIS A 197 9.04 -25.93 26.19
C HIS A 197 8.73 -26.96 27.31
N ALA A 198 9.70 -27.82 27.64
CA ALA A 198 9.56 -28.82 28.70
C ALA A 198 9.47 -28.24 30.14
N LYS A 199 10.19 -27.17 30.42
CA LYS A 199 10.12 -26.47 31.68
C LYS A 199 9.81 -25.00 31.48
N ASN A 200 8.58 -24.74 31.06
CA ASN A 200 8.17 -23.42 30.63
C ASN A 200 8.15 -22.50 31.86
N PRO A 201 8.83 -21.36 31.81
CA PRO A 201 8.92 -20.51 32.98
C PRO A 201 7.61 -19.88 33.47
N HIS A 203 5.05 -21.73 34.08
CA HIS A 203 4.62 -22.71 35.07
C HIS A 203 5.48 -22.68 36.33
N ASP A 204 6.56 -21.91 36.32
CA ASP A 204 7.52 -21.90 37.43
C ASP A 204 7.06 -20.98 38.55
N THR A 205 6.75 -21.55 39.71
CA THR A 205 6.23 -20.76 40.83
C THR A 205 7.30 -20.23 41.76
N SER A 206 8.51 -20.75 41.65
CA SER A 206 9.62 -20.31 42.51
C SER A 206 10.26 -19.00 42.03
N LYS A 208 9.03 -15.50 39.43
CA LYS A 208 7.92 -14.90 38.70
C LYS A 208 8.47 -14.13 37.52
N VAL A 209 8.40 -14.73 36.33
CA VAL A 209 8.92 -14.04 35.13
C VAL A 209 7.94 -13.03 34.55
N TRP A 210 6.74 -12.99 35.10
CA TRP A 210 5.69 -12.13 34.58
C TRP A 210 5.21 -11.13 35.61
N GLN A 211 4.96 -9.90 35.18
CA GLN A 211 4.26 -8.89 36.01
C GLN A 211 2.75 -9.06 35.97
N GLU A 212 2.19 -9.37 34.81
CA GLU A 212 0.74 -9.36 34.62
C GLU A 212 0.33 -10.32 33.53
N LYS A 213 -0.76 -11.07 33.74
CA LYS A 213 -1.38 -11.90 32.71
C LYS A 213 -2.75 -11.35 32.44
N LEU A 214 -3.02 -11.00 31.18
CA LEU A 214 -4.28 -10.37 30.81
C LEU A 214 -5.06 -11.37 30.00
N GLU A 215 -6.08 -11.96 30.58
CA GLU A 215 -6.84 -12.99 29.93
C GLU A 215 -8.32 -13.01 30.27
N GLY A 216 -9.03 -13.85 29.56
CA GLY A 216 -10.42 -14.03 29.81
C GLY A 216 -11.08 -12.70 29.66
N LYS A 217 -11.53 -12.28 30.82
CA LYS A 217 -12.25 -11.07 31.03
C LYS A 217 -11.51 -9.85 30.58
N GLN A 218 -10.26 -9.71 30.95
CA GLN A 218 -9.50 -8.56 30.50
C GLN A 218 -8.47 -8.93 29.40
N ALA A 219 -8.87 -9.84 28.50
CA ALA A 219 -8.08 -10.12 27.31
C ALA A 219 -7.96 -8.84 26.46
N LEU A 220 -6.78 -8.57 25.89
CA LEU A 220 -6.56 -7.36 25.11
C LEU A 220 -6.89 -7.59 23.62
N THR A 221 -7.37 -6.53 22.98
CA THR A 221 -7.49 -6.50 21.54
C THR A 221 -6.12 -6.11 20.95
N VAL A 222 -6.05 -6.07 19.62
CA VAL A 222 -4.86 -5.58 18.96
C VAL A 222 -4.58 -4.11 19.29
N ASN A 223 -5.62 -3.29 19.27
CA ASN A 223 -5.48 -1.90 19.69
C ASN A 223 -5.02 -1.73 21.15
N GLY A 224 -5.53 -2.58 22.04
CA GLY A 224 -4.99 -2.67 23.40
C GLY A 224 -3.51 -2.99 23.48
N VAL A 225 -3.01 -3.90 22.65
CA VAL A 225 -1.55 -4.15 22.58
C VAL A 225 -0.82 -2.92 22.07
N VAL A 226 -1.35 -2.28 21.04
CA VAL A 226 -0.77 -1.06 20.53
C VAL A 226 -0.66 0.04 21.59
N GLU A 227 -1.70 0.24 22.40
CA GLU A 227 -1.67 1.33 23.41
C GLU A 227 -0.65 1.02 24.48
N LYS A 228 -0.52 -0.23 24.85
CA LYS A 228 0.42 -0.62 25.87
C LYS A 228 1.89 -0.43 25.38
N ILE A 229 2.17 -0.87 24.17
CA ILE A 229 3.51 -0.75 23.59
C ILE A 229 3.92 0.71 23.38
N THR A 230 3.02 1.52 22.82
CA THR A 230 3.36 2.89 22.47
C THR A 230 3.09 3.91 23.58
N ASP A 231 2.69 3.43 24.74
CA ASP A 231 2.46 4.33 25.87
C ASP A 231 3.70 5.17 26.26
N ALA A 232 3.61 6.50 26.11
CA ALA A 232 4.68 7.45 26.48
C ALA A 232 5.04 7.48 27.98
N SER A 233 4.08 7.08 28.82
CA SER A 233 4.33 6.96 30.25
C SER A 233 5.51 6.04 30.50
N ALA A 234 5.70 5.07 29.61
CA ALA A 234 6.79 4.12 29.79
C ALA A 234 8.18 4.72 29.47
N ASN A 235 8.22 5.75 28.62
CA ASN A 235 9.47 6.14 27.90
C ASN A 235 10.75 6.18 28.74
N GLY A 236 11.76 5.44 28.28
CA GLY A 236 12.88 5.01 29.08
C GLY A 236 12.84 3.52 29.28
N LYS A 237 11.76 3.04 29.89
CA LYS A 237 11.69 1.66 30.32
C LYS A 237 11.18 0.72 29.21
N PRO A 238 11.62 -0.55 29.26
CA PRO A 238 11.15 -1.55 28.32
C PRO A 238 9.71 -1.93 28.58
N VAL A 239 8.95 -2.16 27.52
CA VAL A 239 7.66 -2.86 27.60
C VAL A 239 7.81 -4.17 26.83
N LEU A 240 7.46 -5.28 27.47
CA LEU A 240 7.75 -6.61 26.87
C LEU A 240 6.51 -7.46 26.98
N LEU A 241 5.85 -7.76 25.85
CA LEU A 241 4.60 -8.53 25.88
C LEU A 241 4.78 -9.80 25.10
N GLU A 242 4.27 -10.88 25.65
CA GLU A 242 4.04 -12.08 24.91
C GLU A 242 2.56 -12.14 24.56
N LEU A 243 2.26 -12.37 23.28
CA LEU A 243 0.89 -12.35 22.74
C LEU A 243 0.55 -13.76 22.36
N ASP A 244 -0.47 -14.33 23.02
CA ASP A 244 -0.84 -15.74 22.79
C ASP A 244 -2.18 -15.90 22.06
N ALA A 245 -2.12 -16.46 20.86
CA ALA A 245 -3.30 -16.98 20.18
C ALA A 245 -3.51 -18.38 20.73
N PRO A 246 -4.62 -19.06 20.37
CA PRO A 246 -4.85 -20.39 20.90
C PRO A 246 -3.72 -21.37 20.66
N GLY A 247 -3.17 -21.41 19.45
CA GLY A 247 -2.06 -22.28 19.19
C GLY A 247 -0.82 -21.59 18.68
N HIS A 248 -0.54 -20.34 19.07
CA HIS A 248 0.64 -19.65 18.50
C HIS A 248 1.03 -18.49 19.36
N ALA A 249 2.33 -18.33 19.60
CA ALA A 249 2.82 -17.21 20.44
C ALA A 249 3.61 -16.20 19.64
N ALA A 251 5.50 -11.93 20.02
CA ALA A 251 6.00 -10.94 20.97
C ALA A 251 5.93 -9.52 20.43
N ALA A 252 5.83 -8.57 21.34
CA ALA A 252 5.90 -7.16 21.01
C ALA A 252 6.60 -6.38 22.11
N TRP A 253 7.27 -5.29 21.75
CA TRP A 253 8.09 -4.57 22.71
C TRP A 253 8.24 -3.10 22.39
N ALA A 254 8.65 -2.34 23.42
CA ALA A 254 9.23 -1.01 23.29
C ALA A 254 10.52 -0.96 24.12
N LYS A 255 11.57 -0.39 23.53
CA LYS A 255 12.83 -0.23 24.22
C LYS A 255 13.56 0.97 23.71
N GLY A 256 14.55 1.42 24.48
CA GLY A 256 15.33 2.63 24.18
C GLY A 256 14.68 3.89 24.75
N SER A 257 15.41 5.02 24.72
CA SER A 257 14.87 6.32 25.21
C SER A 257 14.91 7.40 24.14
N GLY A 258 14.01 8.37 24.28
CA GLY A 258 13.92 9.50 23.33
C GLY A 258 13.98 9.06 21.88
N ASP A 259 15.02 9.50 21.17
CA ASP A 259 15.15 9.26 19.73
C ASP A 259 15.65 7.85 19.39
N ASP A 260 16.20 7.14 20.38
CA ASP A 260 16.56 5.74 20.19
C ASP A 260 15.42 4.79 20.59
N ARG A 261 14.23 5.32 20.88
CA ARG A 261 13.12 4.45 21.24
C ARG A 261 12.57 3.77 19.98
N VAL A 262 12.30 2.47 20.12
CA VAL A 262 11.87 1.62 19.02
C VAL A 262 10.72 0.75 19.52
N TYR A 263 9.79 0.44 18.62
CA TYR A 263 8.61 -0.38 18.90
C TYR A 263 8.60 -1.53 17.89
N GLY A 264 8.55 -2.75 18.42
CA GLY A 264 8.76 -3.93 17.60
C GLY A 264 7.76 -5.03 17.77
N PHE A 265 7.72 -5.89 16.76
CA PHE A 265 6.83 -7.02 16.75
C PHE A 265 7.56 -8.22 16.13
N TYR A 266 7.36 -9.37 16.75
CA TYR A 266 7.92 -10.64 16.31
C TYR A 266 6.83 -11.63 16.20
N ASP A 267 6.54 -12.06 14.98
CA ASP A 267 5.82 -13.31 14.74
C ASP A 267 6.82 -14.35 14.27
N PRO A 268 7.06 -15.37 15.08
CA PRO A 268 8.00 -16.46 14.69
C PRO A 268 7.78 -17.06 13.30
N ASN A 269 6.53 -17.07 12.84
CA ASN A 269 6.22 -17.52 11.49
C ASN A 269 6.66 -16.60 10.38
N ALA A 270 6.93 -15.32 10.70
CA ALA A 270 7.36 -14.32 9.72
C ALA A 270 8.77 -13.77 9.99
N GLY A 271 8.89 -13.04 11.09
CA GLY A 271 10.10 -12.33 11.44
C GLY A 271 9.85 -11.18 12.40
N ILE A 272 10.84 -10.30 12.49
CA ILE A 272 10.80 -9.15 13.39
C ILE A 272 10.67 -7.91 12.56
N VAL A 273 9.80 -7.00 12.99
CA VAL A 273 9.80 -5.63 12.49
C VAL A 273 9.96 -4.67 13.65
N GLU A 274 10.66 -3.57 13.41
CA GLU A 274 10.80 -2.50 14.39
C GLU A 274 10.59 -1.19 13.70
N PHE A 275 9.94 -0.26 14.39
CA PHE A 275 9.79 1.09 13.90
C PHE A 275 10.26 2.07 14.98
N SER A 276 10.78 3.24 14.59
CA SER A 276 10.97 4.37 15.52
C SER A 276 9.67 5.17 15.69
N SER A 277 8.77 5.09 14.73
CA SER A 277 7.49 5.81 14.80
C SER A 277 6.45 4.97 15.48
N ALA A 278 5.87 5.50 16.56
CA ALA A 278 4.80 4.84 17.28
C ALA A 278 3.56 4.68 16.42
N GLU A 279 3.24 5.72 15.65
CA GLU A 279 2.11 5.70 14.73
C GLU A 279 2.26 4.56 13.72
N LYS A 280 3.47 4.40 13.18
CA LYS A 280 3.69 3.38 12.16
C LYS A 280 3.64 1.99 12.77
N PHE A 281 4.19 1.83 13.96
CA PHE A 281 4.07 0.58 14.66
C PHE A 281 2.61 0.17 14.82
N GLY A 282 1.76 1.12 15.23
CA GLY A 282 0.32 0.93 15.40
C GLY A 282 -0.35 0.58 14.09
N ASP A 283 0.05 1.26 13.02
CA ASP A 283 -0.46 0.95 11.67
C ASP A 283 -0.13 -0.50 11.29
N TYR A 284 1.12 -0.92 11.54
CA TYR A 284 1.56 -2.24 11.13
C TYR A 284 0.79 -3.32 11.84
N LEU A 285 0.73 -3.21 13.16
CA LEU A 285 0.03 -4.23 13.93
C LEU A 285 -1.45 -4.33 13.60
N THR A 286 -2.10 -3.19 13.38
CA THR A 286 -3.52 -3.17 13.05
C THR A 286 -3.75 -3.90 11.73
N ARG A 287 -2.93 -3.58 10.75
CA ARG A 287 -3.08 -4.16 9.43
C ARG A 287 -2.53 -5.58 9.30
N PHE A 288 -1.57 -5.93 10.14
CA PHE A 288 -1.13 -7.31 10.20
C PHE A 288 -2.26 -8.24 10.63
N PHE A 289 -2.92 -7.89 11.71
CA PHE A 289 -3.97 -8.75 12.24
C PHE A 289 -5.33 -8.54 11.58
N GLY A 290 -5.54 -7.34 11.03
CA GLY A 290 -6.87 -6.84 10.64
C GLY A 290 -7.42 -7.46 9.35
N LYS A 291 -8.71 -7.75 9.36
CA LYS A 291 -9.44 -8.27 8.17
C LYS A 291 -9.12 -7.48 6.92
N SER A 292 -8.97 -6.18 7.08
CA SER A 292 -8.73 -5.30 5.93
C SER A 292 -7.43 -5.50 5.22
N ASP A 293 -6.50 -6.24 5.81
CA ASP A 293 -5.17 -6.38 5.21
C ASP A 293 -4.36 -7.66 5.06
N LEU A 294 -3.73 -8.17 6.12
CA LEU A 294 -3.20 -9.52 6.12
C LEU A 294 -4.12 -10.51 6.86
N ASN A 295 -4.99 -10.01 7.72
CA ASN A 295 -5.95 -10.86 8.36
C ASN A 295 -5.31 -12.01 9.15
N ALA A 297 -5.33 -12.28 12.32
CA ALA A 297 -6.24 -12.59 13.40
C ALA A 297 -7.08 -13.79 13.10
N GLN A 298 -7.57 -13.88 11.87
CA GLN A 298 -8.27 -15.07 11.42
C GLN A 298 -7.33 -16.27 11.22
N SER A 299 -6.17 -16.08 10.63
CA SER A 299 -5.31 -17.22 10.35
C SER A 299 -4.74 -17.85 11.65
N TYR A 300 -4.60 -17.06 12.71
CA TYR A 300 -4.24 -17.57 14.04
C TYR A 300 -5.47 -17.85 14.92
N LYS A 301 -6.65 -17.72 14.32
CA LYS A 301 -7.89 -18.14 14.94
C LYS A 301 -8.12 -17.49 16.30
N LEU A 302 -7.84 -16.20 16.40
CA LEU A 302 -8.16 -15.47 17.62
C LEU A 302 -9.66 -15.49 17.87
N GLY A 303 -10.03 -15.58 19.15
CA GLY A 303 -11.41 -15.42 19.57
C GLY A 303 -11.80 -13.96 19.55
N LYS A 304 -13.05 -13.68 19.92
CA LYS A 304 -13.60 -12.33 19.84
C LYS A 304 -14.24 -11.99 21.15
N ASN A 305 -14.22 -10.70 21.49
CA ASN A 305 -15.00 -10.20 22.61
C ASN A 305 -16.45 -9.92 22.19
N ASP A 306 -17.25 -9.46 23.14
CA ASP A 306 -18.68 -9.21 22.89
C ASP A 306 -18.97 -8.10 21.87
N ALA A 307 -18.04 -7.15 21.70
CA ALA A 307 -18.12 -6.21 20.57
C ALA A 307 -17.61 -6.82 19.27
N GLY A 308 -17.30 -8.11 19.27
CA GLY A 308 -16.80 -8.80 18.08
C GLY A 308 -15.39 -8.44 17.63
N GLU A 309 -14.59 -7.79 18.48
CA GLU A 309 -13.19 -7.45 18.14
C GLU A 309 -12.27 -8.59 18.54
N ALA A 310 -11.20 -8.78 17.78
CA ALA A 310 -10.33 -9.93 17.99
C ALA A 310 -9.53 -9.70 19.26
N ILE A 311 -9.39 -10.76 20.06
CA ILE A 311 -8.63 -10.67 21.30
C ILE A 311 -7.66 -11.81 21.37
N PHE A 312 -6.54 -11.57 22.02
CA PHE A 312 -5.57 -12.59 22.31
C PHE A 312 -6.11 -13.39 23.51
N ASN A 313 -5.90 -14.70 23.48
CA ASN A 313 -6.16 -15.58 24.64
C ASN A 313 -5.48 -15.03 25.86
N ARG A 314 -4.22 -14.63 25.69
CA ARG A 314 -3.47 -14.11 26.81
C ARG A 314 -2.46 -13.12 26.32
N VAL A 315 -2.29 -12.05 27.10
CA VAL A 315 -1.14 -11.20 26.94
C VAL A 315 -0.38 -11.22 28.23
N VAL A 316 0.90 -11.52 28.15
CA VAL A 316 1.73 -11.53 29.33
C VAL A 316 2.60 -10.33 29.31
N VAL A 317 2.53 -9.54 30.39
CA VAL A 317 3.41 -8.42 30.57
C VAL A 317 4.61 -8.99 31.33
N ASP A 319 8.38 -9.63 32.94
CA ASP A 319 9.48 -9.07 33.71
C ASP A 319 10.79 -9.58 33.11
N GLY A 320 11.49 -8.70 32.41
CA GLY A 320 12.55 -9.10 31.52
C GLY A 320 13.79 -9.56 32.26
N ASN A 321 14.19 -8.82 33.29
CA ASN A 321 15.39 -9.18 34.06
C ASN A 321 15.22 -10.55 34.75
N THR A 322 14.02 -10.86 35.22
CA THR A 322 13.78 -12.15 35.80
C THR A 322 13.71 -13.25 34.77
N LEU A 323 12.98 -13.03 33.69
CA LEU A 323 13.00 -13.95 32.55
C LEU A 323 14.42 -14.21 32.08
N ALA A 324 15.25 -13.18 32.03
CA ALA A 324 16.61 -13.35 31.50
C ALA A 324 17.42 -14.33 32.30
N SER A 325 17.10 -14.45 33.59
CA SER A 325 17.95 -15.20 34.50
C SER A 325 17.38 -16.59 34.69
N TYR A 326 16.23 -16.86 34.09
CA TYR A 326 15.60 -18.16 34.23
C TYR A 326 16.48 -19.25 33.62
N LYS A 327 16.50 -20.40 34.29
CA LYS A 327 17.33 -21.53 33.86
C LYS A 327 16.40 -22.68 33.52
N PRO A 328 16.28 -22.98 32.23
CA PRO A 328 15.28 -23.94 31.84
C PRO A 328 15.57 -25.40 32.26
N THR A 329 16.82 -25.75 32.56
CA THR A 329 17.11 -27.17 32.92
C THR A 329 17.79 -27.29 34.31
N PHE A 330 17.17 -28.07 35.21
CA PHE A 330 17.71 -28.27 36.56
C PHE A 330 19.13 -28.90 36.46
N GLY A 331 20.09 -28.22 37.10
CA GLY A 331 21.47 -28.70 37.15
C GLY A 331 22.37 -28.11 36.09
N ASP A 332 21.89 -27.09 35.37
CA ASP A 332 22.65 -26.51 34.27
C ASP A 332 22.51 -25.02 34.43
N LYS A 333 23.65 -24.32 34.61
CA LYS A 333 23.64 -22.91 34.98
C LYS A 333 23.10 -22.00 33.84
N THR A 334 23.04 -22.51 32.62
CA THR A 334 22.73 -21.71 31.45
C THR A 334 21.36 -21.07 31.59
N THR A 335 21.35 -19.76 31.49
CA THR A 335 20.10 -18.98 31.55
C THR A 335 19.54 -18.72 30.14
N GLN A 337 19.50 -15.82 28.79
CA GLN A 337 20.59 -15.05 28.21
C GLN A 337 21.72 -15.90 27.68
N GLY A 338 22.08 -16.95 28.38
CA GLY A 338 23.10 -17.88 27.87
C GLY A 338 22.67 -18.63 26.62
N ILE A 339 21.37 -18.90 26.50
CA ILE A 339 20.83 -19.59 25.30
C ILE A 339 20.94 -18.67 24.10
N LEU A 340 20.66 -17.39 24.32
CA LEU A 340 20.87 -16.38 23.29
C LEU A 340 22.30 -16.34 22.78
N ASP A 341 23.26 -16.67 23.65
CA ASP A 341 24.69 -16.56 23.35
C ASP A 341 25.31 -17.87 22.78
N LEU A 342 24.53 -18.93 22.68
CA LEU A 342 25.05 -20.18 22.12
C LEU A 342 25.60 -20.00 20.71
N PRO A 343 26.78 -20.55 20.44
CA PRO A 343 27.28 -20.46 19.08
C PRO A 343 26.61 -21.47 18.12
N VAL A 344 26.74 -21.20 16.83
CA VAL A 344 26.55 -22.22 15.80
C VAL A 344 27.80 -22.45 14.95
N PHE A 345 28.15 -21.48 14.09
CA PHE A 345 29.38 -21.59 13.36
C PHE A 345 30.54 -21.30 14.31
N ASP A 346 31.67 -21.93 14.05
CA ASP A 346 32.90 -21.52 14.67
C ASP A 346 34.00 -21.47 13.59
N ALA A 347 35.21 -21.08 13.98
CA ALA A 347 36.26 -20.61 13.07
C ALA A 347 36.85 -21.71 12.15
N THR A 348 36.53 -22.97 12.38
CA THR A 348 37.05 -24.02 11.50
C THR A 348 36.58 -23.76 10.06
N PRO A 349 37.51 -23.78 9.08
CA PRO A 349 37.14 -23.69 7.68
C PRO A 349 36.14 -24.76 7.29
N LYS A 351 34.26 -27.78 5.62
CA LYS A 351 34.73 -29.05 5.02
C LYS A 351 34.55 -29.00 3.51
N GLY B 4 0.44 25.60 10.63
CA GLY B 4 0.73 27.00 10.19
C GLY B 4 -0.46 27.59 9.44
N LEU B 5 -0.70 27.09 8.23
CA LEU B 5 -1.99 27.23 7.59
C LEU B 5 -3.09 26.74 8.52
N GLU B 6 -2.89 25.57 9.12
CA GLU B 6 -3.88 25.01 10.04
C GLU B 6 -4.26 25.98 11.15
N LYS B 7 -3.29 26.71 11.68
CA LYS B 7 -3.58 27.69 12.72
C LYS B 7 -4.27 28.98 12.18
N ASP B 8 -3.82 29.50 11.04
CA ASP B 8 -4.51 30.63 10.44
C ASP B 8 -5.96 30.29 10.06
N PHE B 9 -6.20 29.07 9.63
CA PHE B 9 -7.56 28.66 9.20
C PHE B 9 -8.54 28.56 10.37
N LYS B 10 -8.03 28.19 11.55
CA LYS B 10 -8.83 28.21 12.78
C LYS B 10 -9.08 29.64 13.27
N ARG B 11 -8.10 30.51 13.09
CA ARG B 11 -8.25 31.91 13.45
C ARG B 11 -9.35 32.57 12.57
N TYR B 12 -9.23 32.37 11.27
CA TYR B 12 -10.24 32.79 10.30
C TYR B 12 -11.63 32.21 10.59
N GLY B 13 -11.70 30.89 10.80
CA GLY B 13 -12.97 30.22 11.08
C GLY B 13 -13.63 30.70 12.37
N ASP B 14 -12.80 30.94 13.39
CA ASP B 14 -13.26 31.55 14.63
C ASP B 14 -13.82 32.96 14.47
N ALA B 15 -13.26 33.76 13.56
CA ALA B 15 -13.83 35.07 13.28
C ALA B 15 -15.19 35.04 12.54
N LEU B 16 -15.59 33.89 11.98
CA LEU B 16 -16.95 33.68 11.41
C LEU B 16 -17.97 33.05 12.40
N LYS B 17 -17.51 32.47 13.50
CA LYS B 17 -18.40 31.99 14.58
C LYS B 17 -19.26 33.11 15.12
N PRO B 18 -20.56 32.82 15.35
CA PRO B 18 -21.47 33.82 15.92
C PRO B 18 -21.20 34.13 17.40
N SER B 26 -28.09 32.28 17.54
CA SER B 26 -27.59 33.37 16.69
C SER B 26 -27.60 32.99 15.22
N LYS B 27 -27.59 34.01 14.35
CA LYS B 27 -27.38 33.82 12.91
C LYS B 27 -25.96 33.33 12.61
N ASP B 28 -25.83 32.39 11.69
CA ASP B 28 -24.53 32.09 11.08
C ASP B 28 -24.37 33.01 9.87
N ILE B 29 -23.30 33.78 9.88
CA ILE B 29 -23.07 34.76 8.85
C ILE B 29 -22.98 34.16 7.44
N ARG B 30 -22.51 32.92 7.31
CA ARG B 30 -22.33 32.29 6.01
C ARG B 30 -23.65 32.05 5.29
N THR B 31 -24.75 32.05 6.04
CA THR B 31 -26.05 31.83 5.44
C THR B 31 -26.71 33.14 5.00
N THR B 32 -26.12 34.29 5.33
CA THR B 32 -26.78 35.55 5.05
C THR B 32 -26.53 36.01 3.63
N LYS B 33 -27.43 36.83 3.13
CA LYS B 33 -27.42 37.23 1.72
C LYS B 33 -26.23 38.17 1.42
N ASP B 34 -25.93 39.07 2.35
CA ASP B 34 -24.78 39.95 2.17
C ASP B 34 -23.45 39.20 2.05
N PHE B 35 -23.20 38.28 2.96
CA PHE B 35 -22.00 37.44 2.88
C PHE B 35 -21.99 36.63 1.60
N LEU B 36 -23.12 35.97 1.28
CA LEU B 36 -23.17 35.20 0.03
C LEU B 36 -22.95 36.05 -1.23
N ASN B 37 -23.45 37.27 -1.26
CA ASN B 37 -23.16 38.21 -2.38
C ASN B 37 -21.70 38.59 -2.41
N GLY B 38 -21.10 38.79 -1.24
CA GLY B 38 -19.67 39.05 -1.15
C GLY B 38 -18.74 37.96 -1.67
N TYR B 39 -19.18 36.71 -1.48
CA TYR B 39 -18.32 35.56 -1.72
C TYR B 39 -18.26 35.34 -3.20
N LYS B 40 -17.22 35.86 -3.82
CA LYS B 40 -16.89 35.58 -5.21
C LYS B 40 -15.51 36.12 -5.57
N ASN B 41 -15.00 35.58 -6.67
CA ASN B 41 -13.72 35.99 -7.21
C ASN B 41 -13.74 37.45 -7.62
N ASP B 42 -12.57 38.09 -7.54
CA ASP B 42 -12.34 39.42 -8.12
C ASP B 42 -13.22 40.50 -7.47
N HIS B 43 -13.56 40.31 -6.22
CA HIS B 43 -14.47 41.20 -5.54
C HIS B 43 -13.84 41.94 -4.35
N ALA B 44 -12.93 41.26 -3.66
CA ALA B 44 -12.18 41.90 -2.59
C ALA B 44 -11.44 43.16 -3.06
N LYS B 45 -10.89 43.11 -4.26
CA LYS B 45 -10.13 44.24 -4.75
C LYS B 45 -11.02 45.46 -5.04
N GLU B 46 -12.35 45.29 -5.09
CA GLU B 46 -13.25 46.40 -5.33
C GLU B 46 -13.78 46.96 -4.05
N ILE B 47 -13.83 46.17 -2.98
CA ILE B 47 -14.57 46.57 -1.79
C ILE B 47 -13.77 46.57 -0.48
N VAL B 48 -12.60 45.96 -0.44
CA VAL B 48 -11.90 45.78 0.83
C VAL B 48 -10.63 46.64 0.79
N ASP B 49 -10.64 47.72 1.54
CA ASP B 49 -9.46 48.62 1.65
C ASP B 49 -8.26 47.85 2.19
N GLY B 50 -7.13 47.95 1.53
CA GLY B 50 -5.91 47.32 2.01
C GLY B 50 -5.65 45.96 1.34
N PHE B 51 -6.62 45.47 0.57
CA PHE B 51 -6.49 44.16 -0.07
C PHE B 51 -5.47 44.23 -1.19
N ARG B 52 -4.58 43.26 -1.25
CA ARG B 52 -3.75 43.10 -2.42
C ARG B 52 -3.76 41.64 -2.79
N SER B 53 -3.75 41.36 -4.07
CA SER B 53 -3.87 40.02 -4.57
C SER B 53 -2.60 39.20 -4.36
N ASP B 54 -1.44 39.84 -4.24
CA ASP B 54 -0.22 39.09 -3.91
C ASP B 54 -0.17 38.67 -2.45
N SER B 56 -0.54 36.78 1.08
CA SER B 56 -0.58 35.39 1.51
C SER B 56 -1.83 35.11 2.34
N ILE B 57 -2.07 33.84 2.63
CA ILE B 57 -3.21 33.47 3.45
C ILE B 57 -3.14 34.14 4.84
N LYS B 58 -1.94 34.11 5.43
CA LYS B 58 -1.71 34.74 6.75
C LYS B 58 -2.08 36.23 6.75
N GLN B 59 -1.58 36.97 5.79
CA GLN B 59 -1.85 38.38 5.69
C GLN B 59 -3.35 38.68 5.46
N LEU B 60 -4.02 37.79 4.73
CA LEU B 60 -5.46 37.95 4.47
C LEU B 60 -6.23 37.71 5.72
N VAL B 61 -5.80 36.69 6.48
CA VAL B 61 -6.47 36.37 7.72
C VAL B 61 -6.24 37.51 8.73
N ASP B 62 -5.03 38.09 8.72
CA ASP B 62 -4.73 39.30 9.53
C ASP B 62 -5.66 40.46 9.11
N LEU B 63 -5.66 40.76 7.81
CA LEU B 63 -6.58 41.77 7.23
C LEU B 63 -8.04 41.53 7.59
N PHE B 64 -8.44 40.26 7.67
CA PHE B 64 -9.79 39.91 8.07
C PHE B 64 -10.07 40.23 9.54
N VAL B 65 -9.19 39.79 10.43
CA VAL B 65 -9.45 39.89 11.86
C VAL B 65 -9.14 41.28 12.43
N LYS B 66 -8.26 42.02 11.79
CA LYS B 66 -7.88 43.34 12.29
C LYS B 66 -8.90 44.41 11.93
N GLY B 67 -9.65 44.19 10.84
CA GLY B 67 -10.51 45.21 10.24
C GLY B 67 -11.88 45.27 10.88
N SER B 68 -12.67 46.25 10.46
CA SER B 68 -14.08 46.33 10.84
C SER B 68 -14.93 46.23 9.56
N TRP B 69 -15.42 45.03 9.27
CA TRP B 69 -15.88 44.72 7.92
C TRP B 69 -17.38 44.49 7.93
N SER B 70 -18.07 44.90 6.86
CA SER B 70 -19.44 44.39 6.64
C SER B 70 -19.49 42.89 6.37
N ALA B 71 -20.70 42.33 6.32
CA ALA B 71 -20.88 40.95 5.92
C ALA B 71 -20.44 40.69 4.49
N GLU B 72 -20.64 41.65 3.59
CA GLU B 72 -20.21 41.49 2.21
C GLU B 72 -18.68 41.53 2.07
N GLN B 73 -18.05 42.47 2.78
CA GLN B 73 -16.59 42.48 2.79
C GLN B 73 -15.99 41.19 3.40
N LYS B 74 -16.65 40.62 4.38
CA LYS B 74 -16.23 39.33 4.94
C LYS B 74 -16.36 38.17 3.96
N GLY B 75 -17.44 38.21 3.20
CA GLY B 75 -17.67 37.25 2.13
C GLY B 75 -16.60 37.31 1.06
N ALA B 76 -16.24 38.52 0.63
CA ALA B 76 -15.17 38.69 -0.35
C ALA B 76 -13.80 38.17 0.15
N LEU B 77 -13.44 38.54 1.38
CA LEU B 77 -12.19 38.08 1.98
C LEU B 77 -12.21 36.59 2.16
N ALA B 78 -13.35 36.07 2.58
CA ALA B 78 -13.52 34.66 2.78
C ALA B 78 -13.36 33.89 1.47
N TRP B 79 -13.80 34.45 0.35
CA TRP B 79 -13.55 33.82 -0.96
C TRP B 79 -12.04 33.73 -1.20
N GLU B 80 -11.36 34.85 -0.98
CA GLU B 80 -9.91 34.93 -1.23
C GLU B 80 -9.08 33.99 -0.31
N ILE B 81 -9.42 33.93 0.96
CA ILE B 81 -8.69 33.09 1.89
C ILE B 81 -8.96 31.62 1.55
N GLU B 82 -10.24 31.26 1.34
CA GLU B 82 -10.61 29.86 1.02
C GLU B 82 -10.08 29.40 -0.32
N SER B 83 -10.07 30.30 -1.29
CA SER B 83 -9.46 30.03 -2.56
C SER B 83 -7.99 29.62 -2.47
N ARG B 84 -7.20 30.39 -1.73
CA ARG B 84 -5.78 30.09 -1.63
C ARG B 84 -5.54 28.81 -0.83
N ALA B 85 -6.35 28.60 0.21
CA ALA B 85 -6.18 27.46 1.10
C ALA B 85 -6.51 26.18 0.36
N LEU B 86 -7.59 26.23 -0.44
CA LEU B 86 -7.92 25.15 -1.36
C LEU B 86 -6.82 24.90 -2.41
N LYS B 87 -6.23 25.96 -2.95
CA LYS B 87 -5.08 25.83 -3.86
C LYS B 87 -3.87 25.14 -3.23
N VAL B 88 -3.64 25.43 -1.96
CA VAL B 88 -2.53 24.81 -1.22
C VAL B 88 -2.75 23.33 -1.00
N THR B 89 -4.00 22.92 -0.79
CA THR B 89 -4.31 21.62 -0.17
C THR B 89 -5.00 20.57 -1.04
N PHE B 90 -5.81 20.98 -2.00
CA PHE B 90 -6.77 20.02 -2.59
C PHE B 90 -6.10 18.90 -3.39
N GLN B 91 -5.02 19.25 -4.09
CA GLN B 91 -4.24 18.23 -4.80
C GLN B 91 -3.58 17.24 -3.86
N ASN B 92 -3.06 17.68 -2.72
CA ASN B 92 -2.50 16.75 -1.76
C ASN B 92 -3.56 15.79 -1.24
N LYS B 93 -4.74 16.30 -0.93
CA LYS B 93 -5.80 15.40 -0.46
C LYS B 93 -6.25 14.38 -1.49
N SER B 94 -6.51 14.84 -2.71
CA SER B 94 -6.94 13.97 -3.81
C SER B 94 -5.94 12.85 -4.10
N GLU B 95 -4.65 13.21 -4.04
CA GLU B 95 -3.58 12.26 -4.29
C GLU B 95 -3.64 11.17 -3.22
N LYS B 96 -3.91 11.57 -1.97
CA LYS B 96 -4.03 10.59 -0.86
C LYS B 96 -5.22 9.65 -1.05
N TYR B 97 -6.37 10.21 -1.39
CA TYR B 97 -7.53 9.40 -1.55
C TYR B 97 -7.29 8.41 -2.67
N ASN B 98 -6.67 8.88 -3.75
CA ASN B 98 -6.44 8.07 -4.90
C ASN B 98 -5.50 6.92 -4.57
N ARG B 99 -4.46 7.17 -3.77
CA ARG B 99 -3.53 6.13 -3.44
C ARG B 99 -4.22 5.02 -2.64
N LEU B 100 -5.10 5.39 -1.72
CA LEU B 100 -5.84 4.38 -0.97
C LEU B 100 -6.71 3.54 -1.92
N PHE B 101 -7.46 4.20 -2.79
CA PHE B 101 -8.26 3.52 -3.79
C PHE B 101 -7.43 2.59 -4.66
N ARG B 102 -6.33 3.08 -5.22
CA ARG B 102 -5.51 2.26 -6.12
C ARG B 102 -4.89 1.04 -5.41
N GLU B 103 -4.47 1.22 -4.18
CA GLU B 103 -3.87 0.15 -3.42
C GLU B 103 -4.87 -0.98 -3.20
N ILE B 104 -6.10 -0.62 -2.83
CA ILE B 104 -7.13 -1.62 -2.69
C ILE B 104 -7.51 -2.25 -4.04
N ALA B 105 -7.77 -1.41 -5.05
CA ALA B 105 -8.15 -1.94 -6.35
C ALA B 105 -7.10 -2.91 -6.91
N SER B 106 -5.83 -2.58 -6.71
CA SER B 106 -4.77 -3.30 -7.38
C SER B 106 -4.29 -4.52 -6.61
N ALA B 107 -4.77 -4.73 -5.39
CA ALA B 107 -4.27 -5.81 -4.53
C ALA B 107 -4.91 -7.16 -4.84
N GLY B 108 -4.17 -8.24 -4.64
CA GLY B 108 -4.74 -9.56 -4.78
C GLY B 108 -5.26 -9.76 -6.17
N VAL B 109 -6.46 -10.29 -6.28
CA VAL B 109 -7.18 -10.29 -7.54
C VAL B 109 -7.64 -8.86 -7.82
N VAL B 110 -7.05 -8.24 -8.85
CA VAL B 110 -7.50 -6.91 -9.29
C VAL B 110 -9.02 -6.92 -9.45
N ASP B 111 -9.67 -5.86 -8.95
CA ASP B 111 -11.07 -5.59 -9.28
C ASP B 111 -11.05 -4.67 -10.48
N ALA B 112 -11.45 -5.21 -11.62
CA ALA B 112 -11.32 -4.52 -12.89
C ALA B 112 -12.54 -3.62 -13.09
N LYS B 113 -13.63 -3.91 -12.36
CA LYS B 113 -14.80 -3.03 -12.28
C LYS B 113 -14.70 -1.85 -11.28
N ALA B 114 -13.62 -1.77 -10.54
CA ALA B 114 -13.41 -0.73 -9.52
C ALA B 114 -13.20 0.69 -10.12
N THR B 115 -13.97 1.67 -9.64
CA THR B 115 -13.85 3.03 -10.15
C THR B 115 -13.71 4.07 -9.05
N GLU B 116 -13.02 5.15 -9.36
CA GLU B 116 -12.92 6.31 -8.49
C GLU B 116 -13.24 7.56 -9.31
N GLN B 117 -14.11 8.44 -8.82
CA GLN B 117 -14.34 9.73 -9.48
C GLN B 117 -14.24 10.82 -8.43
N LEU B 118 -13.17 11.61 -8.50
CA LEU B 118 -12.94 12.67 -7.52
C LEU B 118 -13.60 13.98 -7.95
N ALA B 119 -14.29 14.62 -7.01
CA ALA B 119 -14.99 15.86 -7.24
C ALA B 119 -15.13 16.59 -5.91
N PRO B 120 -14.02 17.12 -5.38
CA PRO B 120 -14.06 17.67 -4.03
C PRO B 120 -14.91 18.92 -3.95
N GLN B 121 -15.98 18.86 -3.15
CA GLN B 121 -17.07 19.84 -3.25
C GLN B 121 -16.60 21.23 -2.87
N LEU B 122 -15.68 21.31 -1.90
CA LEU B 122 -15.28 22.61 -1.34
C LEU B 122 -14.52 23.43 -2.36
N LEU B 124 -14.90 22.90 -5.65
CA LEU B 124 -15.86 23.19 -6.73
C LEU B 124 -16.78 24.29 -6.36
N LEU B 125 -17.28 24.28 -5.12
CA LEU B 125 -18.17 25.32 -4.65
C LEU B 125 -17.49 26.70 -4.53
N ASN B 126 -16.25 26.73 -4.07
CA ASN B 126 -15.52 27.98 -4.06
C ASN B 126 -15.37 28.55 -5.47
N LEU B 127 -14.99 27.71 -6.44
CA LEU B 127 -14.98 28.13 -7.85
C LEU B 127 -16.34 28.62 -8.37
N SER B 128 -17.43 28.05 -7.86
CA SER B 128 -18.78 28.43 -8.26
C SER B 128 -19.31 29.65 -7.53
N ASN B 129 -18.47 30.22 -6.68
CA ASN B 129 -18.78 31.45 -5.94
C ASN B 129 -19.96 31.21 -5.00
N ASP B 130 -19.95 30.06 -4.36
CA ASP B 130 -21.02 29.67 -3.42
C ASP B 130 -20.41 29.59 -2.03
N GLY B 131 -20.78 30.51 -1.16
CA GLY B 131 -20.07 30.69 0.07
C GLY B 131 -20.75 30.09 1.27
N PHE B 132 -21.76 29.26 1.04
CA PHE B 132 -22.51 28.70 2.14
C PHE B 132 -21.61 27.83 3.02
N GLY B 133 -20.60 27.23 2.42
CA GLY B 133 -19.63 26.47 3.17
C GLY B 133 -19.67 24.97 2.97
N GLY B 134 -20.54 24.48 2.09
CA GLY B 134 -20.62 23.04 1.82
C GLY B 134 -22.03 22.53 1.69
N ARG B 135 -22.24 21.57 0.80
CA ARG B 135 -23.57 21.05 0.53
C ARG B 135 -23.29 19.55 0.48
N SER B 136 -22.85 18.99 1.59
CA SER B 136 -22.65 17.55 1.71
C SER B 136 -23.97 16.79 1.91
N ASP B 137 -24.94 17.40 2.58
CA ASP B 137 -26.23 16.76 2.80
C ASP B 137 -27.09 16.68 1.50
N PRO B 138 -27.36 17.81 0.84
CA PRO B 138 -28.05 17.73 -0.46
C PRO B 138 -27.38 16.83 -1.49
N LEU B 139 -26.05 16.89 -1.53
CA LEU B 139 -25.32 16.15 -2.54
C LEU B 139 -25.38 14.64 -2.20
N SER B 140 -25.23 14.30 -0.93
CA SER B 140 -25.35 12.91 -0.51
C SER B 140 -26.75 12.35 -0.84
N LYS B 141 -27.78 13.15 -0.63
CA LYS B 141 -29.14 12.73 -0.98
C LYS B 141 -29.36 12.59 -2.48
N LEU B 142 -28.77 13.49 -3.28
CA LEU B 142 -28.89 13.36 -4.73
C LEU B 142 -28.21 12.10 -5.24
N VAL B 143 -27.03 11.76 -4.70
CA VAL B 143 -26.32 10.59 -5.13
C VAL B 143 -27.09 9.31 -4.76
N LEU B 144 -27.71 9.28 -3.58
CA LEU B 144 -28.58 8.14 -3.19
C LEU B 144 -29.79 8.01 -4.12
N VAL B 145 -30.36 9.13 -4.56
CA VAL B 145 -31.40 9.09 -5.60
C VAL B 145 -30.85 8.55 -6.90
N ALA B 146 -29.66 9.02 -7.28
CA ALA B 146 -29.07 8.58 -8.54
C ALA B 146 -28.82 7.06 -8.54
N LYS B 147 -28.44 6.54 -7.39
CA LYS B 147 -28.14 5.13 -7.25
C LYS B 147 -29.41 4.26 -7.17
N GLN B 148 -30.49 4.78 -6.62
CA GLN B 148 -31.83 4.17 -6.81
C GLN B 148 -32.20 4.04 -8.28
N LEU B 149 -32.06 5.13 -9.02
CA LEU B 149 -32.30 5.11 -10.45
C LEU B 149 -31.40 4.15 -11.21
N GLU B 150 -30.13 4.10 -10.82
CA GLU B 150 -29.17 3.22 -11.49
C GLU B 150 -29.51 1.73 -11.20
N ASN B 151 -29.97 1.45 -9.99
CA ASN B 151 -30.40 0.11 -9.63
C ASN B 151 -31.52 -0.36 -10.56
N ASP B 152 -32.38 0.57 -10.97
CA ASP B 152 -33.54 0.29 -11.82
C ASP B 152 -33.20 0.29 -13.29
N GLY B 153 -32.00 0.71 -13.64
CA GLY B 153 -31.49 0.52 -15.01
C GLY B 153 -30.85 1.71 -15.68
N GLN B 154 -30.94 2.90 -15.09
CA GLN B 154 -30.29 4.07 -15.68
C GLN B 154 -28.80 3.95 -15.44
N VAL B 155 -28.01 4.61 -16.28
CA VAL B 155 -26.55 4.47 -16.29
C VAL B 155 -25.91 5.86 -16.14
N GLY B 156 -24.92 5.99 -15.25
CA GLY B 156 -24.11 7.20 -15.18
C GLY B 156 -24.78 8.44 -14.61
N VAL B 157 -25.82 8.24 -13.82
CA VAL B 157 -26.57 9.36 -13.25
C VAL B 157 -25.70 10.10 -12.23
N ALA B 158 -25.11 9.37 -11.29
CA ALA B 158 -24.22 9.99 -10.29
C ALA B 158 -22.96 10.54 -10.93
N ARG B 159 -22.40 9.83 -11.89
CA ARG B 159 -21.20 10.26 -12.57
C ARG B 159 -21.44 11.61 -13.24
N GLN B 160 -22.61 11.76 -13.85
CA GLN B 160 -22.98 12.99 -14.50
C GLN B 160 -23.27 14.15 -13.55
N LEU B 161 -23.87 13.89 -12.40
CA LEU B 161 -24.00 14.92 -11.40
C LEU B 161 -22.65 15.51 -11.05
N LEU B 162 -21.67 14.67 -10.75
CA LEU B 162 -20.32 15.17 -10.45
C LEU B 162 -19.67 15.91 -11.63
N GLU B 163 -19.85 15.44 -12.86
CA GLU B 163 -19.36 16.18 -14.04
C GLU B 163 -20.01 17.55 -14.16
N LYS B 164 -21.26 17.63 -13.77
CA LYS B 164 -21.98 18.89 -13.84
C LYS B 164 -21.55 19.90 -12.78
N TYR B 166 -18.33 20.08 -11.92
CA TYR B 166 -17.17 20.64 -12.64
C TYR B 166 -17.61 21.66 -13.71
N SER B 167 -18.68 21.34 -14.44
CA SER B 167 -19.16 22.21 -15.51
C SER B 167 -19.68 23.53 -14.97
N ALA B 168 -20.48 23.47 -13.91
CA ALA B 168 -20.98 24.70 -13.32
C ALA B 168 -19.85 25.54 -12.75
N ALA B 169 -18.82 24.90 -12.21
CA ALA B 169 -17.68 25.65 -11.67
C ALA B 169 -16.94 26.39 -12.80
N ALA B 170 -16.83 25.77 -13.96
CA ALA B 170 -16.16 26.43 -15.09
C ALA B 170 -16.97 27.62 -15.57
N VAL B 171 -18.30 27.44 -15.66
CA VAL B 171 -19.14 28.53 -16.08
C VAL B 171 -19.10 29.72 -15.12
N LEU B 172 -19.34 29.46 -13.85
CA LEU B 172 -19.55 30.52 -12.88
C LEU B 172 -18.25 31.28 -12.54
N SER B 173 -17.11 30.61 -12.67
CA SER B 173 -15.80 31.26 -12.52
C SER B 173 -15.38 32.06 -13.76
N ASN B 174 -15.96 31.77 -14.93
CA ASN B 174 -15.60 32.44 -16.23
C ASN B 174 -16.91 32.75 -17.00
N PRO B 175 -17.79 33.61 -16.43
CA PRO B 175 -19.15 33.68 -16.99
C PRO B 175 -19.21 34.27 -18.42
N THR B 176 -18.23 35.08 -18.78
CA THR B 176 -18.27 35.76 -20.07
C THR B 176 -17.88 34.83 -21.21
N LEU B 177 -17.37 33.65 -20.92
CA LEU B 177 -17.03 32.70 -21.98
C LEU B 177 -18.21 31.85 -22.42
N TYR B 178 -19.34 31.94 -21.70
CA TYR B 178 -20.45 31.02 -21.91
C TYR B 178 -21.72 31.84 -22.21
N SER B 179 -22.75 31.19 -22.68
CA SER B 179 -23.97 31.88 -23.03
C SER B 179 -24.79 32.22 -21.77
N ASP B 180 -25.76 33.10 -21.94
CA ASP B 180 -26.66 33.49 -20.86
C ASP B 180 -27.38 32.26 -20.34
N SER B 181 -27.77 31.36 -21.24
CA SER B 181 -28.46 30.15 -20.80
C SER B 181 -27.58 29.27 -19.95
N GLU B 182 -26.32 29.13 -20.35
CA GLU B 182 -25.38 28.30 -19.60
C GLU B 182 -25.08 28.85 -18.22
N ASN B 183 -24.93 30.17 -18.12
CA ASN B 183 -24.83 30.86 -16.86
C ASN B 183 -26.03 30.67 -15.97
N ALA B 184 -27.24 30.81 -16.54
CA ALA B 184 -28.47 30.51 -15.82
C ALA B 184 -28.63 29.03 -15.40
N ASN B 185 -28.26 28.14 -16.28
CA ASN B 185 -28.21 26.71 -15.97
C ASN B 185 -27.33 26.41 -14.75
N ALA B 186 -26.06 26.83 -14.82
CA ALA B 186 -25.14 26.64 -13.68
C ALA B 186 -25.71 27.20 -12.40
N SER B 187 -26.26 28.40 -12.45
CA SER B 187 -26.82 28.96 -11.24
C SER B 187 -28.02 28.16 -10.72
N LYS B 188 -28.81 27.60 -11.64
CA LYS B 188 -30.00 26.88 -11.26
C LYS B 188 -29.61 25.57 -10.58
N LEU B 189 -28.56 24.93 -11.04
CA LEU B 189 -28.11 23.72 -10.38
C LEU B 189 -27.74 23.99 -8.92
N LEU B 190 -26.98 25.06 -8.67
CA LEU B 190 -26.57 25.42 -7.31
C LEU B 190 -27.73 25.90 -6.45
N SER B 191 -28.71 26.60 -7.01
CA SER B 191 -29.86 27.00 -6.19
C SER B 191 -30.77 25.81 -5.82
N SER B 192 -30.74 24.78 -6.65
CA SER B 192 -31.38 23.50 -6.32
C SER B 192 -30.73 22.81 -5.12
N LEU B 193 -29.40 22.87 -4.99
CA LEU B 193 -28.76 22.41 -3.74
C LEU B 193 -29.21 23.20 -2.51
N ALA B 194 -29.29 24.52 -2.65
CA ALA B 194 -29.83 25.35 -1.57
C ALA B 194 -31.33 25.09 -1.30
N ALA B 195 -32.11 24.83 -2.34
CA ALA B 195 -33.51 24.40 -2.13
C ALA B 195 -33.64 23.13 -1.26
N ILE B 196 -32.79 22.13 -1.52
CA ILE B 196 -32.85 20.88 -0.79
C ILE B 196 -32.53 21.12 0.68
N HIS B 197 -31.59 22.01 0.93
CA HIS B 197 -31.21 22.35 2.28
C HIS B 197 -32.30 23.16 3.00
N ALA B 198 -32.86 24.15 2.31
CA ALA B 198 -33.97 24.96 2.86
C ALA B 198 -35.22 24.14 3.23
N LYS B 199 -35.59 23.15 2.39
CA LYS B 199 -36.73 22.24 2.69
C LYS B 199 -36.25 20.79 2.67
N ASN B 200 -35.60 20.38 3.75
CA ASN B 200 -34.97 19.09 3.78
C ASN B 200 -36.05 18.02 3.82
N PRO B 201 -35.99 17.07 2.88
CA PRO B 201 -37.00 16.00 2.83
C PRO B 201 -37.11 15.15 4.08
N HIS B 203 -37.38 16.40 6.90
CA HIS B 203 -38.39 17.10 7.67
C HIS B 203 -39.78 17.10 7.03
N ASP B 204 -39.96 16.44 5.88
CA ASP B 204 -41.24 16.48 5.19
C ASP B 204 -42.30 15.63 5.91
N THR B 205 -43.53 16.11 5.95
CA THR B 205 -44.62 15.42 6.67
C THR B 205 -45.58 14.65 5.75
N SER B 206 -45.79 15.15 4.53
CA SER B 206 -46.66 14.47 3.57
C SER B 206 -46.11 13.15 2.99
N LYS B 208 -42.63 10.02 3.49
CA LYS B 208 -41.58 9.51 4.37
C LYS B 208 -40.45 8.98 3.49
N VAL B 209 -39.36 9.73 3.39
CA VAL B 209 -38.30 9.39 2.42
C VAL B 209 -37.30 8.40 3.02
N TRP B 210 -37.44 8.13 4.31
CA TRP B 210 -36.58 7.20 5.01
C TRP B 210 -37.34 6.00 5.56
N GLN B 211 -36.67 4.85 5.57
CA GLN B 211 -37.17 3.62 6.19
C GLN B 211 -36.79 3.53 7.66
N GLU B 212 -35.52 3.71 7.96
CA GLU B 212 -35.02 3.75 9.34
C GLU B 212 -34.02 4.87 9.56
N LYS B 213 -33.94 5.30 10.82
CA LYS B 213 -32.91 6.19 11.29
C LYS B 213 -32.16 5.52 12.46
N LEU B 214 -30.92 5.12 12.22
CA LEU B 214 -30.13 4.39 13.22
C LEU B 214 -29.21 5.35 13.98
N GLU B 215 -29.51 5.52 15.26
CA GLU B 215 -28.83 6.50 16.08
C GLU B 215 -28.96 6.10 17.53
N GLY B 216 -28.27 6.83 18.39
CA GLY B 216 -28.27 6.57 19.82
C GLY B 216 -27.72 5.19 20.12
N LYS B 217 -28.53 4.36 20.76
CA LYS B 217 -28.13 2.99 21.11
C LYS B 217 -28.10 2.09 19.90
N GLN B 218 -28.71 2.51 18.81
CA GLN B 218 -28.64 1.74 17.56
C GLN B 218 -27.60 2.33 16.57
N ALA B 219 -26.76 3.26 17.00
CA ALA B 219 -25.74 3.85 16.09
C ALA B 219 -24.82 2.78 15.46
N LEU B 220 -24.49 2.97 14.19
CA LEU B 220 -23.65 2.03 13.46
C LEU B 220 -22.18 2.46 13.49
N THR B 221 -21.32 1.47 13.58
CA THR B 221 -19.91 1.65 13.35
C THR B 221 -19.65 1.57 11.86
N VAL B 222 -18.39 1.76 11.47
CA VAL B 222 -18.02 1.67 10.07
C VAL B 222 -18.23 0.22 9.64
N ASN B 223 -17.82 -0.72 10.49
CA ASN B 223 -18.01 -2.13 10.17
C ASN B 223 -19.49 -2.52 10.08
N GLY B 224 -20.33 -1.88 10.84
CA GLY B 224 -21.78 -2.06 10.72
C GLY B 224 -22.39 -1.50 9.44
N VAL B 225 -21.87 -0.36 8.98
CA VAL B 225 -22.21 0.13 7.66
C VAL B 225 -21.78 -0.87 6.60
N VAL B 226 -20.54 -1.32 6.67
CA VAL B 226 -20.05 -2.30 5.72
C VAL B 226 -20.96 -3.55 5.67
N GLU B 227 -21.38 -4.06 6.84
CA GLU B 227 -22.20 -5.25 6.89
C GLU B 227 -23.56 -4.98 6.28
N LYS B 228 -24.15 -3.82 6.59
CA LYS B 228 -25.49 -3.45 6.06
C LYS B 228 -25.45 -3.32 4.53
N ILE B 229 -24.36 -2.76 4.01
CA ILE B 229 -24.21 -2.55 2.59
C ILE B 229 -23.95 -3.88 1.87
N THR B 230 -23.08 -4.72 2.41
CA THR B 230 -22.68 -5.95 1.76
C THR B 230 -23.56 -7.16 2.00
N ASP B 231 -24.63 -6.95 2.73
CA ASP B 231 -25.61 -7.94 3.09
C ASP B 231 -25.96 -8.70 1.86
N ALA B 232 -25.82 -10.00 1.98
CA ALA B 232 -26.07 -10.93 0.91
C ALA B 232 -27.54 -10.99 0.52
N SER B 233 -28.41 -10.42 1.32
CA SER B 233 -29.87 -10.53 1.12
C SER B 233 -30.34 -9.88 -0.17
N ALA B 234 -30.08 -8.58 -0.29
CA ALA B 234 -30.74 -7.76 -1.31
C ALA B 234 -30.13 -8.00 -2.70
N ASN B 235 -30.96 -7.85 -3.74
CA ASN B 235 -30.49 -7.77 -5.13
C ASN B 235 -31.31 -6.79 -5.98
N GLY B 236 -32.57 -7.15 -6.26
CA GLY B 236 -33.50 -6.21 -6.92
C GLY B 236 -33.80 -4.98 -6.06
N LYS B 237 -33.57 -5.12 -4.76
CA LYS B 237 -33.44 -3.98 -3.85
C LYS B 237 -32.01 -3.38 -3.85
N PRO B 238 -31.91 -2.05 -3.99
CA PRO B 238 -30.66 -1.39 -3.57
C PRO B 238 -30.60 -1.27 -2.06
N VAL B 239 -29.41 -1.07 -1.52
CA VAL B 239 -29.27 -0.53 -0.16
C VAL B 239 -28.76 0.90 -0.27
N LEU B 240 -29.40 1.83 0.43
CA LEU B 240 -29.12 3.25 0.26
C LEU B 240 -29.01 3.89 1.62
N LEU B 241 -27.78 4.27 2.02
CA LEU B 241 -27.54 4.80 3.37
C LEU B 241 -26.99 6.20 3.27
N GLU B 242 -27.51 7.10 4.09
CA GLU B 242 -26.85 8.36 4.35
C GLU B 242 -26.13 8.26 5.70
N LEU B 243 -24.85 8.63 5.69
CA LEU B 243 -24.01 8.52 6.89
C LEU B 243 -23.76 9.92 7.39
N ASP B 244 -24.21 10.21 8.60
CA ASP B 244 -24.10 11.55 9.16
C ASP B 244 -23.07 11.59 10.29
N ALA B 245 -22.04 12.42 10.08
CA ALA B 245 -21.15 12.82 11.16
C ALA B 245 -21.76 14.08 11.75
N PRO B 246 -21.23 14.57 12.87
CA PRO B 246 -21.63 15.93 13.24
C PRO B 246 -21.02 16.95 12.29
N GLY B 247 -21.88 17.64 11.55
CA GLY B 247 -21.39 18.58 10.57
C GLY B 247 -21.03 18.06 9.16
N HIS B 248 -21.26 16.78 8.84
CA HIS B 248 -20.90 16.30 7.51
C HIS B 248 -21.71 15.07 7.12
N ALA B 249 -22.25 15.07 5.91
CA ALA B 249 -23.02 13.94 5.38
C ALA B 249 -22.29 13.25 4.28
N ALA B 251 -22.59 9.28 1.77
CA ALA B 251 -23.50 8.23 1.30
C ALA B 251 -22.75 6.93 0.99
N ALA B 252 -23.46 5.82 1.20
CA ALA B 252 -22.99 4.52 0.80
C ALA B 252 -24.15 3.70 0.21
N TRP B 253 -23.84 2.83 -0.74
CA TRP B 253 -24.88 2.05 -1.39
C TRP B 253 -24.39 0.71 -1.87
N ALA B 254 -25.36 -0.18 -2.05
CA ALA B 254 -25.24 -1.33 -2.89
C ALA B 254 -26.38 -1.21 -3.91
N LYS B 255 -26.07 -1.44 -5.17
CA LYS B 255 -27.11 -1.49 -6.20
C LYS B 255 -26.73 -2.56 -7.21
N GLY B 256 -27.73 -3.00 -7.97
CA GLY B 256 -27.51 -4.04 -8.96
C GLY B 256 -27.79 -5.44 -8.38
N SER B 257 -27.78 -6.43 -9.27
CA SER B 257 -27.96 -7.81 -8.86
C SER B 257 -26.93 -8.69 -9.56
N GLY B 258 -26.58 -9.80 -8.89
CA GLY B 258 -25.65 -10.76 -9.44
C GLY B 258 -24.24 -10.21 -9.55
N ASP B 259 -23.60 -10.43 -10.70
CA ASP B 259 -22.25 -9.92 -10.93
C ASP B 259 -22.23 -8.51 -11.52
N ASP B 260 -23.37 -7.83 -11.49
CA ASP B 260 -23.40 -6.38 -11.64
C ASP B 260 -23.69 -5.69 -10.31
N ARG B 261 -23.79 -6.45 -9.22
CA ARG B 261 -23.86 -5.86 -7.86
C ARG B 261 -22.61 -4.99 -7.62
N VAL B 262 -22.83 -3.75 -7.20
CA VAL B 262 -21.74 -2.80 -7.01
C VAL B 262 -21.92 -2.18 -5.63
N TYR B 263 -20.81 -1.94 -4.94
CA TYR B 263 -20.81 -1.33 -3.61
C TYR B 263 -19.97 -0.07 -3.67
N GLY B 264 -20.53 1.03 -3.18
CA GLY B 264 -19.88 2.31 -3.33
C GLY B 264 -20.08 3.23 -2.16
N PHE B 265 -19.33 4.31 -2.21
CA PHE B 265 -19.27 5.29 -1.12
C PHE B 265 -18.97 6.64 -1.71
N TYR B 266 -19.62 7.66 -1.19
CA TYR B 266 -19.46 9.03 -1.65
C TYR B 266 -19.20 9.89 -0.46
N ASP B 267 -17.99 10.43 -0.38
CA ASP B 267 -17.70 11.52 0.53
C ASP B 267 -17.67 12.76 -0.33
N PRO B 268 -18.63 13.65 -0.15
CA PRO B 268 -18.67 14.82 -1.02
C PRO B 268 -17.39 15.63 -1.06
N ASN B 269 -16.62 15.60 0.04
CA ASN B 269 -15.35 16.29 0.05
C ASN B 269 -14.26 15.62 -0.78
N ALA B 270 -14.45 14.37 -1.20
CA ALA B 270 -13.44 13.61 -1.91
C ALA B 270 -13.97 13.21 -3.27
N GLY B 271 -14.97 12.35 -3.29
CA GLY B 271 -15.46 11.79 -4.56
C GLY B 271 -16.26 10.51 -4.34
N ILE B 272 -16.48 9.79 -5.45
CA ILE B 272 -17.14 8.47 -5.43
C ILE B 272 -16.15 7.35 -5.69
N VAL B 273 -16.19 6.31 -4.86
CA VAL B 273 -15.58 5.02 -5.22
C VAL B 273 -16.61 3.92 -5.29
N GLU B 274 -16.42 3.00 -6.20
CA GLU B 274 -17.29 1.84 -6.35
C GLU B 274 -16.47 0.62 -6.60
N PHE B 275 -16.91 -0.52 -6.05
CA PHE B 275 -16.22 -1.80 -6.23
C PHE B 275 -17.25 -2.90 -6.58
N SER B 276 -16.85 -3.86 -7.41
CA SER B 276 -17.62 -5.13 -7.57
C SER B 276 -17.31 -6.13 -6.44
N SER B 277 -16.12 -6.02 -5.84
CA SER B 277 -15.77 -6.85 -4.70
C SER B 277 -16.31 -6.28 -3.40
N ALA B 278 -17.13 -7.08 -2.71
CA ALA B 278 -17.60 -6.74 -1.36
C ALA B 278 -16.44 -6.60 -0.37
N GLU B 279 -15.41 -7.40 -0.56
CA GLU B 279 -14.29 -7.41 0.37
C GLU B 279 -13.44 -6.13 0.20
N LYS B 280 -13.21 -5.73 -1.05
CA LYS B 280 -12.49 -4.48 -1.33
C LYS B 280 -13.25 -3.25 -0.85
N PHE B 281 -14.57 -3.26 -0.99
CA PHE B 281 -15.41 -2.17 -0.48
C PHE B 281 -15.21 -2.01 1.02
N GLY B 282 -15.34 -3.12 1.74
CA GLY B 282 -15.08 -3.18 3.18
C GLY B 282 -13.69 -2.73 3.56
N ASP B 283 -12.68 -3.20 2.82
CA ASP B 283 -11.32 -2.74 3.07
C ASP B 283 -11.19 -1.23 2.90
N TYR B 284 -11.81 -0.70 1.83
CA TYR B 284 -11.77 0.73 1.56
C TYR B 284 -12.42 1.54 2.67
N LEU B 285 -13.63 1.20 3.04
CA LEU B 285 -14.33 1.98 4.04
C LEU B 285 -13.59 1.93 5.38
N THR B 286 -13.08 0.75 5.73
CA THR B 286 -12.41 0.57 7.01
C THR B 286 -11.17 1.45 7.07
N ARG B 287 -10.39 1.45 6.01
CA ARG B 287 -9.15 2.25 5.97
C ARG B 287 -9.33 3.72 5.65
N PHE B 288 -10.46 4.10 5.06
CA PHE B 288 -10.80 5.52 4.88
C PHE B 288 -11.08 6.16 6.24
N PHE B 289 -11.88 5.49 7.05
CA PHE B 289 -12.20 6.00 8.36
C PHE B 289 -11.19 5.69 9.48
N GLY B 290 -10.41 4.62 9.35
CA GLY B 290 -9.55 4.15 10.45
C GLY B 290 -8.28 4.94 10.70
N LYS B 291 -7.86 5.01 11.96
CA LYS B 291 -6.61 5.75 12.30
C LYS B 291 -5.42 5.16 11.57
N SER B 292 -5.49 3.89 11.18
CA SER B 292 -4.36 3.24 10.55
C SER B 292 -4.11 3.69 9.16
N ASP B 293 -5.04 4.41 8.56
CA ASP B 293 -4.83 4.96 7.21
C ASP B 293 -5.11 6.34 6.68
N LEU B 294 -6.36 6.74 6.45
CA LEU B 294 -6.70 8.13 6.23
C LEU B 294 -7.31 8.79 7.47
N ASN B 295 -7.73 8.00 8.46
CA ASN B 295 -8.18 8.60 9.73
C ASN B 295 -9.33 9.59 9.58
N ALA B 297 -12.47 9.20 10.34
CA ALA B 297 -13.39 9.26 11.51
C ALA B 297 -12.97 10.34 12.49
N GLN B 298 -11.67 10.51 12.70
CA GLN B 298 -11.22 11.60 13.54
C GLN B 298 -11.36 12.94 12.80
N SER B 299 -10.98 13.00 11.53
CA SER B 299 -11.16 14.21 10.76
C SER B 299 -12.64 14.72 10.73
N TYR B 300 -13.61 13.81 10.69
CA TYR B 300 -15.03 14.20 10.75
C TYR B 300 -15.62 14.18 12.18
N LYS B 301 -14.77 14.01 13.18
CA LYS B 301 -15.18 14.09 14.61
C LYS B 301 -16.27 13.08 14.98
N LEU B 302 -16.13 11.85 14.51
CA LEU B 302 -17.06 10.81 14.94
C LEU B 302 -16.88 10.53 16.43
N GLY B 303 -17.98 10.29 17.11
CA GLY B 303 -17.94 9.77 18.47
C GLY B 303 -17.59 8.30 18.47
N LYS B 304 -17.51 7.72 19.67
CA LYS B 304 -17.20 6.31 19.83
C LYS B 304 -18.28 5.66 20.67
N ASN B 305 -18.48 4.36 20.45
CA ASN B 305 -19.36 3.58 21.30
C ASN B 305 -18.51 3.01 22.46
N ASP B 306 -19.11 2.30 23.39
CA ASP B 306 -18.43 1.88 24.63
C ASP B 306 -17.27 0.94 24.39
N ALA B 307 -17.29 0.23 23.28
CA ALA B 307 -16.10 -0.54 22.84
C ALA B 307 -14.97 0.31 22.25
N GLY B 308 -15.18 1.62 22.14
CA GLY B 308 -14.16 2.54 21.61
C GLY B 308 -14.05 2.59 20.09
N GLU B 309 -15.05 2.02 19.40
CA GLU B 309 -15.15 2.05 17.94
C GLU B 309 -15.87 3.32 17.49
N ALA B 310 -15.42 3.94 16.40
CA ALA B 310 -16.09 5.14 15.90
C ALA B 310 -17.50 4.81 15.40
N ILE B 311 -18.46 5.67 15.71
CA ILE B 311 -19.84 5.51 15.22
C ILE B 311 -20.37 6.75 14.51
N PHE B 312 -21.29 6.57 13.58
CA PHE B 312 -21.99 7.66 12.95
C PHE B 312 -23.07 8.23 13.88
N ASN B 313 -23.21 9.55 13.83
CA ASN B 313 -24.29 10.21 14.58
C ASN B 313 -25.62 9.67 14.21
N ARG B 314 -25.76 9.35 12.94
CA ARG B 314 -27.00 8.82 12.44
C ARG B 314 -26.69 8.17 11.15
N VAL B 315 -27.29 7.01 10.91
CA VAL B 315 -27.34 6.42 9.57
C VAL B 315 -28.81 6.33 9.15
N VAL B 316 -29.12 6.87 7.99
CA VAL B 316 -30.47 6.82 7.45
C VAL B 316 -30.54 5.77 6.36
N VAL B 317 -31.35 4.75 6.57
CA VAL B 317 -31.68 3.80 5.51
C VAL B 317 -32.77 4.48 4.69
N ASP B 319 -35.49 5.33 1.69
CA ASP B 319 -36.40 4.80 0.66
C ASP B 319 -36.23 5.61 -0.63
N GLY B 320 -35.59 5.01 -1.63
CA GLY B 320 -35.05 5.75 -2.75
C GLY B 320 -36.09 6.22 -3.74
N ASN B 321 -37.16 5.42 -3.89
CA ASN B 321 -38.27 5.78 -4.75
C ASN B 321 -39.02 6.97 -4.20
N THR B 322 -39.26 7.00 -2.89
CA THR B 322 -39.97 8.12 -2.31
C THR B 322 -39.06 9.38 -2.30
N LEU B 323 -37.78 9.20 -1.99
CA LEU B 323 -36.83 10.32 -2.12
C LEU B 323 -36.71 10.85 -3.55
N ALA B 324 -36.65 9.96 -4.53
CA ALA B 324 -36.55 10.38 -5.93
C ALA B 324 -37.71 11.29 -6.38
N SER B 325 -38.85 11.22 -5.69
CA SER B 325 -40.08 11.92 -6.08
C SER B 325 -40.33 13.16 -5.23
N TYR B 326 -39.54 13.37 -4.18
CA TYR B 326 -39.63 14.60 -3.42
C TYR B 326 -39.40 15.83 -4.32
N LYS B 327 -40.20 16.87 -4.09
CA LYS B 327 -40.07 18.14 -4.81
C LYS B 327 -39.63 19.18 -3.80
N PRO B 328 -38.41 19.65 -3.92
CA PRO B 328 -37.92 20.50 -2.86
C PRO B 328 -38.52 21.95 -2.81
N THR B 329 -39.03 22.47 -3.93
CA THR B 329 -39.54 23.86 -3.95
C THR B 329 -41.04 23.97 -4.30
N PHE B 330 -41.80 24.70 -3.48
CA PHE B 330 -43.25 24.82 -3.65
C PHE B 330 -43.58 25.47 -5.00
N GLY B 331 -44.61 24.92 -5.63
CA GLY B 331 -45.10 25.41 -6.90
C GLY B 331 -44.27 24.96 -8.09
N ASP B 332 -43.25 24.15 -7.85
CA ASP B 332 -42.33 23.70 -8.90
C ASP B 332 -42.44 22.20 -8.92
N LYS B 333 -42.62 21.65 -10.12
CA LYS B 333 -42.84 20.22 -10.30
C LYS B 333 -41.52 19.46 -10.10
N THR B 334 -40.39 20.15 -10.21
CA THR B 334 -39.10 19.48 -10.33
C THR B 334 -38.87 18.59 -9.11
N THR B 335 -38.52 17.36 -9.39
CA THR B 335 -38.24 16.40 -8.32
C THR B 335 -36.73 16.20 -8.15
N GLN B 337 -35.06 13.58 -8.88
CA GLN B 337 -34.66 13.10 -10.20
C GLN B 337 -34.55 14.21 -11.24
N GLY B 338 -35.47 15.16 -11.22
CA GLY B 338 -35.39 16.29 -12.12
C GLY B 338 -34.15 17.15 -11.88
N ILE B 339 -33.74 17.27 -10.62
CA ILE B 339 -32.52 18.04 -10.31
C ILE B 339 -31.29 17.33 -10.89
N LEU B 340 -31.25 15.99 -10.74
CA LEU B 340 -30.20 15.20 -11.36
C LEU B 340 -30.10 15.38 -12.88
N ASP B 341 -31.22 15.67 -13.54
CA ASP B 341 -31.26 15.84 -14.99
C ASP B 341 -31.03 17.28 -15.47
N LEU B 342 -30.80 18.22 -14.58
CA LEU B 342 -30.65 19.62 -15.01
C LEU B 342 -29.44 19.81 -15.89
N PRO B 343 -29.57 20.60 -16.95
CA PRO B 343 -28.41 20.81 -17.80
C PRO B 343 -27.45 21.85 -17.20
N VAL B 344 -26.19 21.82 -17.65
CA VAL B 344 -25.29 22.93 -17.49
C VAL B 344 -24.85 23.42 -18.87
N PHE B 345 -23.95 22.71 -19.54
CA PHE B 345 -23.55 23.12 -20.89
C PHE B 345 -24.71 22.87 -21.83
N ASP B 346 -24.87 23.75 -22.83
CA ASP B 346 -25.81 23.50 -23.95
C ASP B 346 -24.99 23.42 -25.25
N ALA B 347 -25.65 23.17 -26.38
CA ALA B 347 -24.92 23.21 -27.72
C ALA B 347 -24.37 24.41 -28.26
N THR B 348 -24.67 25.67 -27.72
CA THR B 348 -24.02 26.94 -28.08
C THR B 348 -22.59 26.54 -28.10
N PRO B 349 -21.92 26.79 -29.24
CA PRO B 349 -20.46 26.85 -29.21
C PRO B 349 -19.93 28.04 -28.40
N LYS C 3 1.71 -5.06 -13.67
CA LYS C 3 0.89 -6.04 -14.43
C LYS C 3 1.50 -7.46 -14.45
N LYS C 4 2.82 -7.58 -14.60
CA LYS C 4 3.48 -8.89 -14.55
C LYS C 4 4.38 -8.99 -13.33
N GLU C 5 4.15 -10.00 -12.50
CA GLU C 5 5.03 -10.24 -11.36
C GLU C 5 6.14 -11.19 -11.81
N MET C 6 7.38 -10.89 -11.47
CA MET C 6 8.53 -11.75 -11.79
C MET C 6 9.43 -11.92 -10.57
N ARG C 7 9.65 -13.15 -10.14
CA ARG C 7 10.48 -13.43 -8.98
C ARG C 7 11.92 -13.61 -9.42
N ILE C 8 12.80 -12.85 -8.78
CA ILE C 8 14.21 -12.80 -9.12
C ILE C 8 15.02 -13.30 -7.92
N LEU C 9 15.91 -14.27 -8.16
CA LEU C 9 16.91 -14.67 -7.18
C LEU C 9 18.25 -13.99 -7.42
N MET C 10 18.71 -13.25 -6.40
CA MET C 10 20.00 -12.57 -6.40
C MET C 10 20.98 -13.24 -5.43
N VAL C 11 22.04 -13.80 -6.00
CA VAL C 11 23.04 -14.56 -5.27
C VAL C 11 24.42 -14.15 -5.82
N GLY C 12 25.46 -14.65 -5.14
CA GLY C 12 26.82 -14.24 -5.37
C GLY C 12 27.54 -14.45 -4.07
N LEU C 13 28.86 -14.38 -4.12
CA LEU C 13 29.67 -14.64 -2.96
C LEU C 13 29.43 -13.53 -1.94
N ASP C 14 29.76 -13.79 -0.69
CA ASP C 14 29.68 -12.73 0.32
C ASP C 14 30.51 -11.52 -0.14
N ALA C 15 30.02 -10.35 0.20
CA ALA C 15 30.71 -9.10 -0.05
C ALA C 15 30.63 -8.61 -1.49
N ALA C 16 29.87 -9.31 -2.31
CA ALA C 16 29.71 -8.97 -3.70
C ALA C 16 29.05 -7.61 -3.96
N GLY C 17 28.14 -7.23 -3.06
CA GLY C 17 27.31 -6.05 -3.18
C GLY C 17 25.81 -6.29 -3.31
N LYS C 18 25.35 -7.50 -3.06
CA LYS C 18 23.94 -7.83 -3.34
C LYS C 18 22.94 -6.97 -2.52
N THR C 19 23.16 -6.88 -1.23
CA THR C 19 22.24 -6.10 -0.39
C THR C 19 22.31 -4.60 -0.76
N THR C 20 23.51 -4.10 -1.05
CA THR C 20 23.68 -2.72 -1.45
C THR C 20 22.87 -2.43 -2.69
N ILE C 21 23.00 -3.30 -3.69
CA ILE C 21 22.22 -3.19 -4.93
C ILE C 21 20.71 -3.19 -4.67
N LEU C 22 20.24 -4.12 -3.83
CA LEU C 22 18.80 -4.22 -3.56
C LEU C 22 18.20 -2.88 -3.08
N TYR C 23 18.88 -2.26 -2.13
CA TYR C 23 18.37 -1.06 -1.50
C TYR C 23 18.67 0.19 -2.27
N LYS C 24 19.75 0.18 -3.05
CA LYS C 24 19.99 1.20 -4.04
C LYS C 24 18.83 1.26 -5.02
N LEU C 25 18.41 0.10 -5.52
CA LEU C 25 17.29 0.02 -6.43
C LEU C 25 15.97 0.38 -5.73
N LYS C 26 15.72 -0.20 -4.57
CA LYS C 26 14.44 0.01 -3.88
C LYS C 26 14.31 1.37 -3.22
N LEU C 27 15.29 1.80 -2.44
CA LEU C 27 15.17 3.03 -1.67
C LEU C 27 15.90 4.23 -2.30
N GLY C 28 16.67 4.00 -3.37
CA GLY C 28 17.48 5.07 -3.95
C GLY C 28 18.61 5.55 -3.04
N GLU C 29 19.09 4.72 -2.12
CA GLU C 29 20.10 5.12 -1.13
C GLU C 29 21.18 4.07 -0.99
N ILE C 30 22.31 4.49 -0.48
CA ILE C 30 23.33 3.57 -0.07
C ILE C 30 23.13 3.31 1.41
N VAL C 31 22.83 2.07 1.74
CA VAL C 31 22.62 1.70 3.15
C VAL C 31 23.90 1.08 3.74
N THR C 32 24.13 1.30 5.02
CA THR C 32 25.22 0.59 5.68
C THR C 32 24.79 -0.86 5.88
N THR C 33 25.57 -1.80 5.35
CA THR C 33 25.13 -3.20 5.35
C THR C 33 25.96 -3.97 6.37
N ILE C 34 25.46 -5.14 6.78
CA ILE C 34 26.29 -6.18 7.44
C ILE C 34 26.17 -7.46 6.62
N PRO C 35 27.02 -8.47 6.91
CA PRO C 35 26.84 -9.74 6.18
C PRO C 35 25.43 -10.32 6.42
N THR C 36 24.75 -10.66 5.33
CA THR C 36 23.35 -11.09 5.41
C THR C 36 23.35 -12.57 5.79
N ILE C 37 22.96 -12.92 7.01
CA ILE C 37 22.78 -14.32 7.36
C ILE C 37 21.27 -14.57 7.41
N GLY C 38 20.71 -15.07 6.30
CA GLY C 38 19.28 -15.02 6.04
C GLY C 38 19.05 -14.49 4.65
N PHE C 39 18.04 -13.67 4.48
CA PHE C 39 17.74 -13.05 3.20
C PHE C 39 17.09 -11.71 3.43
N ASN C 40 17.15 -10.84 2.41
CA ASN C 40 16.27 -9.69 2.31
C ASN C 40 15.38 -9.84 1.08
N VAL C 41 14.20 -9.25 1.11
CA VAL C 41 13.37 -9.26 -0.07
C VAL C 41 12.68 -7.93 -0.22
N GLU C 42 12.54 -7.48 -1.45
CA GLU C 42 11.77 -6.26 -1.75
C GLU C 42 11.04 -6.45 -3.07
N THR C 43 9.93 -5.75 -3.21
CA THR C 43 9.26 -5.62 -4.47
C THR C 43 9.58 -4.30 -5.12
N VAL C 44 10.13 -4.38 -6.33
CA VAL C 44 10.62 -3.20 -7.05
C VAL C 44 9.77 -3.09 -8.31
N GLU C 45 8.94 -2.06 -8.38
CA GLU C 45 8.13 -1.82 -9.55
C GLU C 45 8.99 -1.11 -10.60
N TYR C 46 9.04 -1.67 -11.81
CA TYR C 46 9.77 -1.05 -12.90
C TYR C 46 9.03 -1.34 -14.20
N LYS C 47 8.55 -0.26 -14.81
CA LYS C 47 7.64 -0.31 -15.97
C LYS C 47 6.51 -1.30 -15.77
N ASN C 48 6.31 -2.25 -16.65
CA ASN C 48 5.15 -3.13 -16.47
C ASN C 48 5.29 -4.14 -15.34
N ILE C 49 6.49 -4.28 -14.77
CA ILE C 49 6.81 -5.48 -14.00
C ILE C 49 6.98 -5.19 -12.52
N SER C 50 6.37 -6.03 -11.67
CA SER C 50 6.68 -6.11 -10.24
C SER C 50 7.76 -7.15 -10.04
N PHE C 51 9.02 -6.75 -9.89
CA PHE C 51 10.10 -7.69 -9.52
C PHE C 51 10.07 -7.92 -8.03
N THR C 52 9.90 -9.17 -7.60
CA THR C 52 10.22 -9.47 -6.22
C THR C 52 11.65 -10.03 -6.18
N VAL C 53 12.53 -9.26 -5.57
CA VAL C 53 13.94 -9.56 -5.62
C VAL C 53 14.39 -10.16 -4.30
N TRP C 54 14.83 -11.41 -4.38
CA TRP C 54 15.38 -12.16 -3.24
C TRP C 54 16.92 -12.04 -3.11
N ASP C 55 17.39 -11.27 -2.12
CA ASP C 55 18.83 -11.06 -1.81
C ASP C 55 19.23 -12.08 -0.73
N VAL C 56 19.95 -13.11 -1.12
CA VAL C 56 20.26 -14.18 -0.22
C VAL C 56 21.75 -14.14 0.18
N GLY C 57 22.01 -14.42 1.44
CA GLY C 57 23.36 -14.36 1.98
C GLY C 57 24.33 -15.29 1.30
N GLY C 58 25.55 -14.79 1.11
CA GLY C 58 26.59 -15.48 0.33
C GLY C 58 27.81 -15.99 1.09
N LEU C 59 27.84 -15.80 2.40
CA LEU C 59 28.80 -16.49 3.25
C LEU C 59 28.85 -18.00 2.92
N ASP C 60 30.06 -18.54 2.83
CA ASP C 60 30.22 -19.93 2.39
C ASP C 60 29.39 -20.92 3.20
N LYS C 61 29.37 -20.72 4.52
CA LYS C 61 28.63 -21.62 5.41
C LYS C 61 27.10 -21.59 5.29
N ILE C 62 26.55 -20.59 4.61
CA ILE C 62 25.11 -20.62 4.30
C ILE C 62 24.81 -20.68 2.79
N ARG C 63 25.83 -20.84 1.95
CA ARG C 63 25.58 -21.10 0.51
C ARG C 63 24.75 -22.33 0.15
N PRO C 64 24.83 -23.41 0.96
CA PRO C 64 23.92 -24.55 0.74
C PRO C 64 22.41 -24.20 0.81
N LEU C 65 22.07 -23.07 1.42
CA LEU C 65 20.66 -22.70 1.53
C LEU C 65 20.13 -22.11 0.26
N TRP C 66 21.00 -21.76 -0.69
CA TRP C 66 20.51 -21.00 -1.85
C TRP C 66 19.38 -21.78 -2.58
N ARG C 67 19.52 -23.08 -2.66
CA ARG C 67 18.56 -23.90 -3.41
C ARG C 67 17.15 -23.93 -2.77
N HIS C 68 17.01 -23.43 -1.55
CA HIS C 68 15.68 -23.30 -0.96
C HIS C 68 14.91 -22.08 -1.40
N TYR C 69 15.49 -21.28 -2.28
CA TYR C 69 14.85 -20.08 -2.81
C TYR C 69 14.55 -20.18 -4.31
N PHE C 70 14.58 -21.37 -4.88
CA PHE C 70 14.39 -21.55 -6.33
C PHE C 70 12.97 -21.52 -6.83
N GLN C 71 11.98 -21.62 -5.95
CA GLN C 71 10.60 -21.73 -6.40
C GLN C 71 10.13 -20.60 -7.32
N ASN C 72 9.61 -21.00 -8.47
CA ASN C 72 8.90 -20.11 -9.31
C ASN C 72 9.73 -18.85 -9.64
N THR C 73 11.01 -19.06 -9.88
CA THR C 73 11.93 -17.99 -10.11
C THR C 73 12.14 -17.83 -11.61
N GLN C 74 11.96 -16.63 -12.13
CA GLN C 74 12.07 -16.35 -13.57
C GLN C 74 13.43 -15.78 -13.96
N GLY C 75 14.19 -15.31 -12.99
CA GLY C 75 15.45 -14.64 -13.34
C GLY C 75 16.43 -14.82 -12.22
N LEU C 76 17.70 -14.87 -12.57
CA LEU C 76 18.77 -15.07 -11.66
C LEU C 76 19.67 -13.88 -11.87
N ILE C 77 19.97 -13.18 -10.78
CA ILE C 77 20.97 -12.14 -10.79
C ILE C 77 22.17 -12.68 -10.04
N PHE C 78 23.30 -12.80 -10.73
CA PHE C 78 24.53 -13.22 -10.12
C PHE C 78 25.45 -12.01 -10.06
N VAL C 79 25.86 -11.69 -8.86
CA VAL C 79 26.59 -10.48 -8.57
C VAL C 79 28.00 -10.89 -8.20
N VAL C 80 28.99 -10.35 -8.91
CA VAL C 80 30.37 -10.70 -8.67
C VAL C 80 31.14 -9.44 -8.36
N ASP C 81 32.00 -9.55 -7.35
CA ASP C 81 32.92 -8.49 -6.96
C ASP C 81 34.06 -8.49 -7.99
N SER C 82 34.02 -7.53 -8.90
CA SER C 82 34.96 -7.46 -10.01
C SER C 82 36.43 -7.34 -9.54
N ASN C 83 36.63 -6.87 -8.32
CA ASN C 83 37.93 -6.62 -7.74
C ASN C 83 38.48 -7.84 -7.02
N ASP C 84 37.69 -8.93 -6.92
CA ASP C 84 38.10 -10.09 -6.12
C ASP C 84 38.55 -11.06 -7.20
N ARG C 85 39.85 -11.01 -7.48
CA ARG C 85 40.48 -11.94 -8.42
C ARG C 85 40.70 -13.29 -7.75
N GLU C 86 41.00 -13.28 -6.45
CA GLU C 86 41.25 -14.52 -5.69
C GLU C 86 40.06 -15.45 -5.72
N ARG C 87 38.83 -14.91 -5.80
CA ARG C 87 37.64 -15.75 -5.64
C ARG C 87 36.79 -15.88 -6.88
N VAL C 88 37.29 -15.40 -8.01
CA VAL C 88 36.46 -15.34 -9.19
C VAL C 88 36.19 -16.73 -9.73
N ASN C 89 37.14 -17.66 -9.56
CA ASN C 89 36.86 -19.01 -9.99
C ASN C 89 35.90 -19.72 -9.05
N GLU C 90 35.93 -19.35 -7.78
CA GLU C 90 34.93 -19.80 -6.80
C GLU C 90 33.52 -19.29 -7.19
N ALA C 91 33.41 -18.01 -7.56
CA ALA C 91 32.17 -17.47 -8.11
C ALA C 91 31.70 -18.27 -9.30
N ARG C 92 32.62 -18.59 -10.19
CA ARG C 92 32.25 -19.36 -11.37
C ARG C 92 31.69 -20.73 -10.98
N GLU C 93 32.37 -21.43 -10.08
CA GLU C 93 31.86 -22.70 -9.53
C GLU C 93 30.46 -22.60 -8.92
N GLU C 94 30.22 -21.55 -8.15
CA GLU C 94 28.89 -21.34 -7.55
C GLU C 94 27.84 -20.99 -8.61
N LEU C 95 28.18 -20.15 -9.59
CA LEU C 95 27.24 -19.87 -10.67
C LEU C 95 26.83 -21.15 -11.37
N MET C 96 27.83 -21.95 -11.77
CA MET C 96 27.59 -23.16 -12.57
C MET C 96 26.76 -24.20 -11.80
N ARG C 97 26.98 -24.30 -10.49
CA ARG C 97 26.16 -25.19 -9.66
C ARG C 97 24.69 -24.76 -9.70
N MET C 98 24.41 -23.45 -9.71
CA MET C 98 23.03 -22.96 -9.81
C MET C 98 22.44 -23.24 -11.20
N LEU C 99 23.21 -22.95 -12.23
CA LEU C 99 22.79 -23.18 -13.61
C LEU C 99 22.58 -24.66 -13.93
N ALA C 100 23.13 -25.55 -13.11
CA ALA C 100 22.89 -27.00 -13.22
C ALA C 100 21.51 -27.45 -12.74
N GLU C 101 20.81 -26.62 -11.97
CA GLU C 101 19.56 -27.02 -11.30
C GLU C 101 18.40 -27.01 -12.26
N ASP C 102 17.72 -28.15 -12.39
CA ASP C 102 16.60 -28.27 -13.31
C ASP C 102 15.47 -27.27 -13.04
N GLU C 103 15.29 -26.86 -11.79
CA GLU C 103 14.28 -25.81 -11.48
C GLU C 103 14.55 -24.45 -12.14
N LEU C 104 15.82 -24.14 -12.38
CA LEU C 104 16.22 -22.86 -12.96
C LEU C 104 16.47 -22.96 -14.47
N ARG C 105 16.08 -24.07 -15.10
CA ARG C 105 16.51 -24.31 -16.48
C ARG C 105 16.02 -23.22 -17.45
N ASP C 106 14.89 -22.58 -17.12
CA ASP C 106 14.31 -21.53 -17.98
C ASP C 106 14.59 -20.09 -17.53
N ALA C 107 15.26 -19.93 -16.39
CA ALA C 107 15.52 -18.59 -15.80
C ALA C 107 16.45 -17.81 -16.71
N VAL C 108 16.22 -16.51 -16.88
CA VAL C 108 17.21 -15.66 -17.53
C VAL C 108 18.28 -15.26 -16.53
N LEU C 109 19.49 -14.99 -17.02
CA LEU C 109 20.62 -14.75 -16.13
C LEU C 109 21.20 -13.37 -16.41
N LEU C 110 21.26 -12.54 -15.38
CA LEU C 110 21.87 -11.24 -15.49
C LEU C 110 23.02 -11.27 -14.53
N VAL C 111 24.23 -11.05 -15.04
CA VAL C 111 25.41 -10.95 -14.20
C VAL C 111 25.69 -9.47 -14.00
N PHE C 112 25.84 -9.07 -12.75
CA PHE C 112 26.33 -7.72 -12.42
C PHE C 112 27.82 -7.80 -12.08
N ALA C 113 28.66 -7.27 -12.97
CA ALA C 113 30.09 -7.19 -12.70
C ALA C 113 30.31 -5.93 -11.86
N ASN C 114 30.17 -6.11 -10.53
CA ASN C 114 30.08 -4.99 -9.59
C ASN C 114 31.44 -4.49 -9.11
N LYS C 115 31.45 -3.30 -8.52
CA LYS C 115 32.65 -2.69 -7.95
C LYS C 115 33.66 -2.33 -9.06
N GLN C 116 33.11 -1.94 -10.22
CA GLN C 116 33.90 -1.35 -11.30
C GLN C 116 34.67 -0.09 -10.89
N ASP C 117 34.31 0.56 -9.80
CA ASP C 117 35.05 1.73 -9.35
C ASP C 117 36.35 1.39 -8.61
N LEU C 118 36.58 0.12 -8.24
CA LEU C 118 37.78 -0.18 -7.48
C LEU C 118 38.98 -0.39 -8.42
N PRO C 119 40.20 -0.08 -7.96
CA PRO C 119 41.32 0.07 -8.88
C PRO C 119 41.79 -1.17 -9.66
N ASN C 120 41.70 -2.34 -9.05
CA ASN C 120 42.15 -3.51 -9.79
C ASN C 120 40.96 -4.32 -10.28
N ALA C 121 39.90 -3.63 -10.69
CA ALA C 121 38.67 -4.30 -11.08
C ALA C 121 38.80 -4.92 -12.47
N MET C 122 38.52 -6.22 -12.58
CA MET C 122 38.41 -6.86 -13.90
C MET C 122 37.22 -6.25 -14.60
N ASN C 123 37.33 -6.14 -15.91
CA ASN C 123 36.27 -5.51 -16.69
C ASN C 123 35.30 -6.57 -17.15
N ALA C 124 34.20 -6.14 -17.74
CA ALA C 124 33.13 -7.06 -18.18
C ALA C 124 33.60 -8.23 -19.06
N ALA C 125 34.49 -7.96 -20.02
CA ALA C 125 34.95 -9.00 -20.96
C ALA C 125 35.75 -10.06 -20.26
N GLU C 126 36.61 -9.62 -19.37
CA GLU C 126 37.39 -10.51 -18.54
C GLU C 126 36.56 -11.35 -17.55
N ILE C 127 35.55 -10.74 -16.91
CA ILE C 127 34.60 -11.49 -16.06
C ILE C 127 33.84 -12.50 -16.90
N THR C 128 33.41 -12.10 -18.08
CA THR C 128 32.72 -13.00 -19.00
C THR C 128 33.53 -14.27 -19.29
N ASP C 129 34.84 -14.13 -19.43
CA ASP C 129 35.72 -15.28 -19.72
C ASP C 129 35.98 -16.09 -18.46
N LYS C 130 36.27 -15.41 -17.36
CA LYS C 130 36.50 -16.07 -16.08
C LYS C 130 35.29 -16.86 -15.59
N LEU C 131 34.09 -16.37 -15.89
CA LEU C 131 32.89 -17.09 -15.45
C LEU C 131 32.46 -18.09 -16.48
N GLY C 132 33.08 -18.10 -17.66
CA GLY C 132 32.69 -19.06 -18.65
C GLY C 132 31.33 -18.80 -19.27
N LEU C 133 30.95 -17.53 -19.36
CA LEU C 133 29.59 -17.22 -19.78
C LEU C 133 29.32 -17.66 -21.22
N HIS C 134 30.33 -17.57 -22.09
CA HIS C 134 30.14 -17.94 -23.48
C HIS C 134 29.82 -19.41 -23.63
N SER C 135 30.27 -20.23 -22.68
CA SER C 135 29.95 -21.64 -22.70
C SER C 135 28.48 -21.92 -22.42
N LEU C 136 27.73 -20.94 -21.91
CA LEU C 136 26.35 -21.17 -21.53
C LEU C 136 25.47 -21.34 -22.74
N ARG C 137 25.12 -22.60 -22.98
CA ARG C 137 24.23 -22.97 -24.05
C ARG C 137 22.82 -23.04 -23.54
N HIS C 138 21.91 -22.55 -24.37
CA HIS C 138 20.48 -22.66 -24.09
C HIS C 138 20.09 -21.75 -22.90
N ARG C 139 20.75 -20.59 -22.81
CA ARG C 139 20.58 -19.64 -21.68
C ARG C 139 20.58 -18.25 -22.23
N ASN C 140 19.53 -17.49 -21.93
CA ASN C 140 19.49 -16.11 -22.21
C ASN C 140 20.23 -15.37 -21.09
N TRP C 141 21.40 -14.80 -21.40
CA TRP C 141 22.24 -14.15 -20.38
C TRP C 141 22.78 -12.85 -20.84
N TYR C 142 23.23 -12.07 -19.87
CA TYR C 142 23.72 -10.74 -20.13
C TYR C 142 24.62 -10.34 -18.97
N ILE C 143 25.64 -9.53 -19.27
CA ILE C 143 26.57 -9.09 -18.27
C ILE C 143 26.62 -7.59 -18.29
N GLN C 144 26.44 -6.99 -17.13
CA GLN C 144 26.40 -5.56 -17.00
C GLN C 144 27.42 -5.09 -15.94
N ALA C 145 28.28 -4.17 -16.34
CA ALA C 145 29.24 -3.58 -15.44
C ALA C 145 28.56 -2.56 -14.53
N THR C 146 28.81 -2.65 -13.24
CA THR C 146 28.13 -1.80 -12.29
C THR C 146 29.03 -1.25 -11.21
N CYS C 147 28.61 -0.12 -10.69
CA CYS C 147 29.05 0.34 -9.39
C CYS C 147 27.82 0.58 -8.56
N ALA C 148 27.57 -0.30 -7.58
CA ALA C 148 26.34 -0.25 -6.74
C ALA C 148 26.22 1.03 -5.95
N THR C 149 27.33 1.54 -5.47
CA THR C 149 27.31 2.66 -4.56
C THR C 149 26.96 3.96 -5.28
N SER C 150 27.28 4.04 -6.57
CA SER C 150 26.88 5.17 -7.38
C SER C 150 25.59 4.84 -8.15
N GLY C 151 25.34 3.56 -8.37
CA GLY C 151 24.11 3.14 -9.06
C GLY C 151 24.33 2.96 -10.54
N ASP C 152 25.56 3.17 -10.96
CA ASP C 152 25.87 3.13 -12.38
C ASP C 152 25.78 1.71 -12.89
N GLY C 153 24.99 1.55 -13.97
CA GLY C 153 24.70 0.28 -14.57
C GLY C 153 23.45 -0.45 -14.11
N LEU C 154 22.91 -0.11 -12.94
CA LEU C 154 21.87 -0.96 -12.33
C LEU C 154 20.56 -0.95 -13.15
N TYR C 155 20.11 0.23 -13.54
CA TYR C 155 18.88 0.27 -14.33
C TYR C 155 19.05 -0.27 -15.74
N GLU C 156 20.26 -0.18 -16.27
CA GLU C 156 20.56 -0.82 -17.56
C GLU C 156 20.41 -2.32 -17.41
N GLY C 157 20.81 -2.84 -16.27
CA GLY C 157 20.69 -4.25 -15.99
C GLY C 157 19.25 -4.62 -15.92
N LEU C 158 18.53 -3.89 -15.09
CA LEU C 158 17.11 -4.12 -14.88
C LEU C 158 16.30 -4.01 -16.18
N ASP C 159 16.65 -3.04 -17.01
CA ASP C 159 15.94 -2.81 -18.27
C ASP C 159 16.02 -4.01 -19.21
N TRP C 160 17.23 -4.54 -19.36
CA TRP C 160 17.44 -5.78 -20.12
C TRP C 160 16.57 -6.89 -19.57
N LEU C 161 16.63 -7.08 -18.27
CA LEU C 161 15.89 -8.18 -17.61
C LEU C 161 14.37 -8.08 -17.83
N ALA C 162 13.87 -6.86 -17.68
CA ALA C 162 12.46 -6.53 -17.90
C ALA C 162 12.06 -6.83 -19.33
N ASN C 163 12.90 -6.42 -20.26
CA ASN C 163 12.63 -6.62 -21.65
C ASN C 163 12.63 -8.12 -21.99
N GLN C 164 13.54 -8.90 -21.42
CA GLN C 164 13.54 -10.37 -21.60
C GLN C 164 12.30 -11.00 -21.02
N LEU C 165 11.84 -10.50 -19.90
CA LEU C 165 10.75 -11.14 -19.20
C LEU C 165 9.39 -10.72 -19.77
N GLU C 166 9.33 -9.65 -20.56
CA GLU C 166 8.13 -9.36 -21.39
C GLU C 166 8.30 -9.91 -22.79
N GLY D 2 17.91 9.40 -2.72
CA GLY D 2 16.72 8.98 -1.91
C GLY D 2 15.41 8.98 -2.70
N LYS D 3 14.35 9.46 -2.06
CA LYS D 3 12.97 9.38 -2.56
C LYS D 3 12.37 10.77 -2.90
N LYS D 4 12.19 11.02 -4.19
CA LYS D 4 11.80 12.33 -4.67
C LYS D 4 10.37 12.30 -5.19
N GLU D 5 9.82 13.48 -5.35
CA GLU D 5 8.47 13.61 -5.86
C GLU D 5 8.44 14.65 -6.96
N MET D 6 7.52 14.48 -7.90
CA MET D 6 7.32 15.43 -8.95
C MET D 6 5.84 15.42 -9.27
N ARG D 7 5.21 16.57 -9.17
CA ARG D 7 3.85 16.68 -9.57
C ARG D 7 3.84 17.21 -10.98
N ILE D 8 3.07 16.53 -11.80
CA ILE D 8 2.99 16.75 -13.22
C ILE D 8 1.53 17.01 -13.57
N LEU D 9 1.29 18.08 -14.31
CA LEU D 9 -0.01 18.33 -14.90
C LEU D 9 0.01 17.92 -16.37
N MET D 10 -0.95 17.10 -16.76
CA MET D 10 -1.10 16.65 -18.12
C MET D 10 -2.36 17.25 -18.75
N VAL D 11 -2.16 18.08 -19.78
CA VAL D 11 -3.24 18.74 -20.53
C VAL D 11 -3.08 18.52 -22.04
N GLY D 12 -4.05 18.99 -22.81
CA GLY D 12 -4.16 18.68 -24.23
C GLY D 12 -5.62 18.73 -24.62
N LEU D 13 -5.89 18.92 -25.91
CA LEU D 13 -7.24 18.98 -26.37
C LEU D 13 -7.87 17.67 -26.08
N ASP D 14 -9.20 17.67 -26.03
CA ASP D 14 -9.95 16.43 -25.95
C ASP D 14 -9.57 15.47 -27.07
N ALA D 15 -9.70 14.18 -26.79
CA ALA D 15 -9.29 13.11 -27.69
C ALA D 15 -7.77 12.90 -27.87
N ALA D 16 -6.93 13.73 -27.28
CA ALA D 16 -5.49 13.63 -27.50
C ALA D 16 -4.87 12.30 -27.05
N GLY D 17 -5.41 11.69 -26.00
CA GLY D 17 -4.87 10.48 -25.41
C GLY D 17 -4.51 10.54 -23.92
N LYS D 18 -4.74 11.68 -23.28
CA LYS D 18 -4.30 11.92 -21.90
C LYS D 18 -4.65 10.80 -20.95
N THR D 19 -5.92 10.45 -20.86
CA THR D 19 -6.34 9.39 -19.94
C THR D 19 -5.75 8.01 -20.31
N THR D 20 -5.55 7.78 -21.61
CA THR D 20 -5.04 6.52 -22.11
C THR D 20 -3.59 6.34 -21.66
N ILE D 21 -2.83 7.41 -21.77
CA ILE D 21 -1.48 7.46 -21.29
C ILE D 21 -1.37 7.24 -19.78
N LEU D 22 -2.15 7.97 -18.99
CA LEU D 22 -2.07 7.85 -17.51
C LEU D 22 -2.14 6.40 -17.14
N TYR D 23 -3.13 5.72 -17.70
CA TYR D 23 -3.43 4.36 -17.27
C TYR D 23 -2.57 3.29 -17.97
N LYS D 24 -1.99 3.62 -19.11
CA LYS D 24 -0.98 2.77 -19.73
C LYS D 24 0.28 2.77 -18.83
N LEU D 25 0.71 3.97 -18.44
CA LEU D 25 1.77 4.13 -17.46
C LEU D 25 1.49 3.41 -16.15
N LYS D 26 0.35 3.72 -15.53
CA LYS D 26 0.07 3.24 -14.19
C LYS D 26 -0.33 1.77 -14.13
N LEU D 27 -1.25 1.38 -15.00
CA LEU D 27 -1.82 0.02 -14.93
C LEU D 27 -1.21 -0.95 -15.95
N GLY D 28 -0.41 -0.46 -16.88
CA GLY D 28 -0.01 -1.28 -18.04
C GLY D 28 -1.15 -1.77 -18.92
N GLU D 29 -2.35 -1.22 -18.78
CA GLU D 29 -3.51 -1.63 -19.57
C GLU D 29 -3.86 -0.56 -20.59
N ILE D 30 -4.52 -0.98 -21.66
CA ILE D 30 -5.29 -0.10 -22.53
C ILE D 30 -6.72 -0.09 -22.02
N VAL D 31 -7.15 1.03 -21.47
CA VAL D 31 -8.48 1.10 -20.87
C VAL D 31 -9.47 1.73 -21.84
N THR D 32 -10.73 1.33 -21.74
CA THR D 32 -11.81 2.03 -22.44
C THR D 32 -12.06 3.32 -21.68
N THR D 33 -12.02 4.44 -22.38
CA THR D 33 -12.17 5.73 -21.77
C THR D 33 -13.47 6.41 -22.21
N ILE D 34 -13.81 7.48 -21.52
CA ILE D 34 -14.85 8.42 -21.92
C ILE D 34 -14.25 9.83 -21.80
N PRO D 35 -14.85 10.81 -22.51
CA PRO D 35 -14.38 12.17 -22.29
C PRO D 35 -14.36 12.55 -20.79
N THR D 36 -13.23 13.06 -20.30
CA THR D 36 -13.01 13.30 -18.88
C THR D 36 -13.57 14.69 -18.53
N ILE D 37 -14.64 14.73 -17.78
CA ILE D 37 -15.13 16.01 -17.31
C ILE D 37 -14.83 16.08 -15.83
N GLY D 38 -13.70 16.72 -15.51
CA GLY D 38 -13.10 16.59 -14.18
C GLY D 38 -11.62 16.27 -14.33
N PHE D 39 -11.13 15.31 -13.55
CA PHE D 39 -9.71 14.92 -13.57
C PHE D 39 -9.52 13.49 -13.08
N ASN D 40 -8.43 12.89 -13.52
CA ASN D 40 -7.94 11.63 -12.97
C ASN D 40 -6.57 11.92 -12.40
N VAL D 41 -6.20 11.23 -11.34
CA VAL D 41 -4.87 11.36 -10.81
C VAL D 41 -4.35 9.97 -10.49
N GLU D 42 -3.08 9.73 -10.77
CA GLU D 42 -2.40 8.51 -10.32
C GLU D 42 -0.96 8.85 -9.88
N THR D 43 -0.48 8.09 -8.91
CA THR D 43 0.91 8.17 -8.50
C THR D 43 1.69 7.06 -9.20
N VAL D 44 2.66 7.43 -10.04
CA VAL D 44 3.50 6.47 -10.77
C VAL D 44 4.93 6.55 -10.22
N GLU D 45 5.40 5.47 -9.64
CA GLU D 45 6.74 5.38 -9.12
C GLU D 45 7.64 4.90 -10.23
N TYR D 46 8.66 5.68 -10.55
CA TYR D 46 9.64 5.23 -11.57
C TYR D 46 11.01 5.76 -11.19
N LYS D 47 11.97 4.84 -11.03
CA LYS D 47 13.35 5.17 -10.66
C LYS D 47 13.43 6.00 -9.38
N ASN D 48 12.67 5.63 -8.37
CA ASN D 48 12.74 6.28 -7.09
C ASN D 48 12.19 7.71 -7.11
N ILE D 49 11.48 8.06 -8.18
CA ILE D 49 10.65 9.28 -8.18
C ILE D 49 9.18 8.89 -8.10
N SER D 50 8.44 9.52 -7.20
CA SER D 50 6.98 9.41 -7.21
C SER D 50 6.37 10.53 -8.03
N PHE D 51 5.97 10.22 -9.26
CA PHE D 51 5.30 11.18 -10.15
C PHE D 51 3.85 11.15 -9.86
N THR D 52 3.29 12.25 -9.38
CA THR D 52 1.84 12.37 -9.27
C THR D 52 1.30 13.09 -10.49
N VAL D 53 0.55 12.38 -11.30
CA VAL D 53 0.20 12.83 -12.61
C VAL D 53 -1.26 13.16 -12.65
N TRP D 54 -1.53 14.41 -12.96
CA TRP D 54 -2.90 14.92 -13.04
C TRP D 54 -3.31 15.00 -14.50
N ASP D 55 -4.32 14.19 -14.84
CA ASP D 55 -4.88 14.04 -16.17
C ASP D 55 -6.15 14.86 -16.16
N VAL D 56 -6.11 16.01 -16.81
CA VAL D 56 -7.21 16.94 -16.73
C VAL D 56 -7.99 16.96 -18.06
N GLY D 57 -9.30 17.10 -17.94
CA GLY D 57 -10.21 17.02 -19.09
C GLY D 57 -9.99 18.15 -20.04
N GLY D 58 -9.98 17.82 -21.34
CA GLY D 58 -9.63 18.77 -22.39
C GLY D 58 -10.74 19.31 -23.30
N LEU D 59 -11.98 18.87 -23.10
N LEU D 59 -11.98 18.88 -23.09
CA LEU D 59 -13.11 19.47 -23.84
CA LEU D 59 -13.15 19.51 -23.73
C LEU D 59 -13.14 20.99 -23.64
C LEU D 59 -13.05 21.03 -23.64
N ASP D 60 -13.36 21.73 -24.73
CA ASP D 60 -13.18 23.20 -24.75
C ASP D 60 -13.79 23.92 -23.57
N LYS D 61 -14.98 23.51 -23.18
CA LYS D 61 -15.74 24.26 -22.18
C LYS D 61 -15.22 24.09 -20.74
N ILE D 62 -14.31 23.14 -20.52
CA ILE D 62 -13.65 22.99 -19.20
C ILE D 62 -12.15 23.27 -19.20
N ARG D 63 -11.61 23.71 -20.34
CA ARG D 63 -10.19 24.19 -20.42
C ARG D 63 -9.80 25.37 -19.54
N PRO D 64 -10.76 26.29 -19.28
CA PRO D 64 -10.44 27.33 -18.31
C PRO D 64 -10.22 26.80 -16.89
N LEU D 65 -10.55 25.54 -16.63
CA LEU D 65 -10.22 24.98 -15.31
C LEU D 65 -8.75 24.61 -15.19
N TRP D 66 -8.02 24.55 -16.31
CA TRP D 66 -6.69 23.95 -16.31
C TRP D 66 -5.83 24.70 -15.37
N ARG D 67 -6.10 25.99 -15.30
CA ARG D 67 -5.34 26.91 -14.47
C ARG D 67 -5.35 26.52 -13.01
N HIS D 68 -6.48 25.98 -12.57
N HIS D 68 -6.47 26.02 -12.51
CA HIS D 68 -6.71 25.67 -11.19
CA HIS D 68 -6.59 25.78 -11.09
C HIS D 68 -5.82 24.55 -10.65
C HIS D 68 -5.82 24.53 -10.63
N TYR D 69 -5.24 23.76 -11.56
CA TYR D 69 -4.43 22.59 -11.19
C TYR D 69 -2.92 22.78 -11.14
N PHE D 70 -2.39 23.90 -11.57
CA PHE D 70 -0.94 24.06 -11.44
C PHE D 70 -0.57 24.80 -10.19
N GLN D 71 -0.59 24.07 -9.09
CA GLN D 71 -0.05 24.52 -7.85
C GLN D 71 1.00 23.51 -7.43
N ASN D 72 2.13 24.02 -6.99
CA ASN D 72 3.27 23.18 -6.71
C ASN D 72 3.61 22.12 -7.78
N THR D 73 3.43 22.49 -9.03
CA THR D 73 3.57 21.60 -10.18
C THR D 73 4.92 21.83 -10.84
N GLN D 74 5.68 20.76 -11.04
CA GLN D 74 7.07 20.88 -11.47
C GLN D 74 7.18 20.71 -12.96
N GLY D 75 6.21 20.03 -13.55
CA GLY D 75 6.27 19.68 -14.95
C GLY D 75 4.90 19.74 -15.58
N LEU D 76 4.87 20.12 -16.86
CA LEU D 76 3.66 20.19 -17.66
C LEU D 76 3.89 19.23 -18.79
N ILE D 77 2.93 18.34 -19.02
CA ILE D 77 2.94 17.49 -20.18
C ILE D 77 1.81 17.94 -21.08
N PHE D 78 2.13 18.26 -22.33
CA PHE D 78 1.12 18.59 -23.31
C PHE D 78 1.04 17.48 -24.31
N VAL D 79 -0.13 16.84 -24.38
CA VAL D 79 -0.33 15.72 -25.28
C VAL D 79 -1.05 16.22 -26.55
N VAL D 80 -0.47 15.97 -27.72
CA VAL D 80 -1.08 16.38 -29.01
C VAL D 80 -1.48 15.17 -29.81
N ASP D 81 -2.66 15.23 -30.42
CA ASP D 81 -3.05 14.26 -31.43
C ASP D 81 -2.29 14.60 -32.73
N SER D 82 -1.39 13.69 -33.13
CA SER D 82 -0.51 13.89 -34.28
C SER D 82 -1.26 13.72 -35.59
N ASN D 83 -2.33 12.94 -35.55
CA ASN D 83 -3.28 12.79 -36.63
C ASN D 83 -4.22 13.99 -36.84
N ASP D 84 -4.38 14.86 -35.84
CA ASP D 84 -5.35 15.98 -35.91
C ASP D 84 -4.75 17.22 -36.57
N ARG D 85 -4.90 17.27 -37.89
CA ARG D 85 -4.48 18.39 -38.72
C ARG D 85 -5.33 19.61 -38.40
N GLU D 86 -6.64 19.41 -38.51
CA GLU D 86 -7.65 20.42 -38.17
C GLU D 86 -7.51 21.31 -36.92
N ARG D 87 -7.14 20.69 -35.80
CA ARG D 87 -7.12 21.46 -34.55
C ARG D 87 -5.71 21.63 -34.07
N VAL D 88 -4.76 21.33 -34.95
CA VAL D 88 -3.38 21.34 -34.55
C VAL D 88 -2.95 22.74 -34.16
N ASN D 89 -3.59 23.76 -34.74
CA ASN D 89 -3.30 25.15 -34.38
C ASN D 89 -3.99 25.62 -33.08
N GLU D 90 -5.15 25.04 -32.80
CA GLU D 90 -5.85 25.24 -31.53
C GLU D 90 -5.00 24.69 -30.39
N ALA D 91 -4.51 23.46 -30.56
CA ALA D 91 -3.50 22.85 -29.66
C ALA D 91 -2.42 23.87 -29.32
N ARG D 92 -1.93 24.52 -30.35
CA ARG D 92 -0.89 25.51 -30.18
C ARG D 92 -1.29 26.68 -29.27
N GLU D 93 -2.44 27.30 -29.53
CA GLU D 93 -2.89 28.46 -28.70
C GLU D 93 -3.03 28.07 -27.21
N GLU D 94 -3.70 26.94 -26.99
CA GLU D 94 -3.94 26.45 -25.62
C GLU D 94 -2.64 26.26 -24.87
N LEU D 95 -1.67 25.62 -25.53
CA LEU D 95 -0.29 25.52 -25.01
C LEU D 95 0.31 26.86 -24.65
N MET D 96 0.26 27.83 -25.57
CA MET D 96 0.83 29.15 -25.33
C MET D 96 0.11 29.91 -24.19
N ARG D 97 -1.22 29.84 -24.14
CA ARG D 97 -1.96 30.37 -22.99
C ARG D 97 -1.48 29.79 -21.66
N MET D 98 -1.32 28.46 -21.61
CA MET D 98 -0.77 27.81 -20.41
C MET D 98 0.61 28.34 -20.05
N LEU D 99 1.49 28.44 -21.04
CA LEU D 99 2.86 28.90 -20.81
C LEU D 99 2.94 30.40 -20.48
N ALA D 100 1.91 31.15 -20.87
CA ALA D 100 1.77 32.55 -20.41
C ALA D 100 1.56 32.68 -18.89
N GLU D 101 1.02 31.65 -18.25
CA GLU D 101 0.69 31.74 -16.83
C GLU D 101 1.93 31.86 -15.98
N ASP D 102 1.91 32.83 -15.07
CA ASP D 102 3.04 33.12 -14.20
C ASP D 102 3.12 32.09 -13.08
N GLU D 103 2.06 31.30 -12.94
CA GLU D 103 2.05 30.17 -12.03
C GLU D 103 2.94 29.04 -12.59
N LEU D 104 2.95 28.87 -13.91
CA LEU D 104 3.83 27.89 -14.56
C LEU D 104 5.21 28.45 -14.97
N ARG D 105 5.57 29.64 -14.50
CA ARG D 105 6.83 30.27 -14.88
C ARG D 105 8.04 29.31 -14.92
N ASP D 106 8.19 28.47 -13.90
CA ASP D 106 9.37 27.58 -13.78
C ASP D 106 9.11 26.10 -14.04
N ALA D 107 8.07 25.78 -14.80
CA ALA D 107 7.79 24.39 -15.11
C ALA D 107 8.58 24.00 -16.33
N VAL D 108 9.04 22.77 -16.37
CA VAL D 108 9.54 22.16 -17.58
C VAL D 108 8.39 21.63 -18.37
N LEU D 109 8.57 21.52 -19.69
CA LEU D 109 7.54 21.12 -20.65
C LEU D 109 7.91 19.88 -21.45
N LEU D 110 7.09 18.84 -21.33
CA LEU D 110 7.21 17.65 -22.14
C LEU D 110 6.03 17.58 -23.08
N VAL D 111 6.29 17.48 -24.37
CA VAL D 111 5.20 17.28 -25.33
C VAL D 111 5.19 15.83 -25.79
N PHE D 112 3.99 15.23 -25.82
CA PHE D 112 3.83 13.90 -26.33
C PHE D 112 3.09 13.99 -27.66
N ALA D 113 3.80 13.69 -28.74
CA ALA D 113 3.22 13.65 -30.06
C ALA D 113 2.61 12.29 -30.26
N ASN D 114 1.34 12.20 -29.95
CA ASN D 114 0.72 10.94 -29.72
C ASN D 114 -0.03 10.43 -30.96
N LYS D 115 -0.36 9.16 -30.95
CA LYS D 115 -1.06 8.53 -32.08
C LYS D 115 -0.15 8.47 -33.32
N GLN D 116 1.12 8.15 -33.12
CA GLN D 116 2.08 8.09 -34.22
C GLN D 116 1.92 6.83 -35.05
N ASP D 117 1.20 5.85 -34.52
CA ASP D 117 0.80 4.66 -35.27
C ASP D 117 -0.15 4.92 -36.43
N LEU D 118 -0.81 6.08 -36.45
CA LEU D 118 -1.85 6.34 -37.43
C LEU D 118 -1.24 6.81 -38.75
N PRO D 119 -1.74 6.29 -39.87
CA PRO D 119 -1.03 6.36 -41.16
C PRO D 119 -0.63 7.79 -41.52
N ASN D 120 -1.54 8.71 -41.29
CA ASN D 120 -1.42 10.09 -41.74
C ASN D 120 -0.91 11.04 -40.65
N ALA D 121 -0.17 10.53 -39.67
CA ALA D 121 0.31 11.37 -38.56
C ALA D 121 1.41 12.33 -39.00
N MET D 122 1.53 13.47 -38.34
CA MET D 122 2.73 14.33 -38.40
C MET D 122 3.71 13.85 -37.31
N ASN D 123 4.87 14.51 -37.16
CA ASN D 123 6.02 13.99 -36.42
C ASN D 123 6.66 15.07 -35.55
N ALA D 124 7.59 14.68 -34.71
CA ALA D 124 8.12 15.60 -33.71
C ALA D 124 8.74 16.86 -34.32
N ALA D 125 9.20 16.76 -35.58
CA ALA D 125 9.67 17.91 -36.35
C ALA D 125 8.50 18.75 -36.88
N GLU D 126 7.50 18.12 -37.46
CA GLU D 126 6.34 18.85 -38.00
C GLU D 126 5.41 19.36 -36.89
N ILE D 127 5.24 18.55 -35.83
CA ILE D 127 4.56 18.99 -34.62
C ILE D 127 5.36 20.10 -33.94
N THR D 128 6.69 19.96 -33.85
CA THR D 128 7.51 20.95 -33.09
C THR D 128 7.49 22.33 -33.73
N ASP D 129 7.20 22.37 -35.03
CA ASP D 129 7.15 23.62 -35.76
C ASP D 129 5.73 24.17 -35.68
N LYS D 130 4.73 23.35 -36.03
CA LYS D 130 3.31 23.70 -35.89
C LYS D 130 2.79 23.94 -34.44
N LEU D 131 3.61 23.74 -33.40
CA LEU D 131 3.33 24.30 -32.05
C LEU D 131 4.28 25.44 -31.69
N GLY D 132 5.40 25.56 -32.39
CA GLY D 132 6.31 26.64 -32.07
C GLY D 132 7.29 26.52 -30.93
N LEU D 133 7.76 25.30 -30.67
CA LEU D 133 8.67 24.97 -29.58
C LEU D 133 9.97 25.72 -29.62
N HIS D 134 10.55 25.94 -30.80
CA HIS D 134 11.65 26.88 -30.91
C HIS D 134 10.57 27.66 -31.55
N SER D 135 10.28 28.84 -31.06
CA SER D 135 11.11 29.55 -30.08
C SER D 135 10.33 29.86 -28.80
N LEU D 136 10.64 29.08 -27.78
CA LEU D 136 10.53 29.50 -26.39
C LEU D 136 11.96 29.62 -25.85
N ARG D 137 12.21 30.65 -25.06
CA ARG D 137 13.43 30.73 -24.26
C ARG D 137 13.03 30.54 -22.82
N HIS D 138 14.02 30.51 -21.94
CA HIS D 138 13.79 30.35 -20.52
C HIS D 138 12.78 29.20 -20.25
N ARG D 139 12.86 28.14 -21.06
CA ARG D 139 11.95 26.99 -20.93
C ARG D 139 12.75 25.77 -21.37
N ASN D 140 13.02 24.85 -20.43
CA ASN D 140 13.44 23.49 -20.78
C ASN D 140 12.25 22.74 -21.34
N TRP D 141 12.39 22.22 -22.55
CA TRP D 141 11.34 21.41 -23.13
C TRP D 141 11.88 20.26 -23.95
N TYR D 142 10.97 19.41 -24.41
CA TYR D 142 11.35 18.18 -25.07
C TYR D 142 10.10 17.61 -25.73
N ILE D 143 10.23 17.13 -26.94
CA ILE D 143 9.11 16.49 -27.60
C ILE D 143 9.40 15.03 -27.81
N GLN D 144 8.37 14.20 -27.75
CA GLN D 144 8.57 12.78 -27.79
C GLN D 144 7.43 12.11 -28.53
N ALA D 145 7.76 11.27 -29.48
CA ALA D 145 6.78 10.57 -30.26
C ALA D 145 6.26 9.39 -29.48
N THR D 146 4.94 9.20 -29.48
CA THR D 146 4.30 8.16 -28.69
C THR D 146 3.19 7.45 -29.41
N CYS D 147 2.96 6.22 -29.01
CA CYS D 147 1.71 5.56 -29.26
C CYS D 147 1.27 5.01 -27.91
N ALA D 148 0.37 5.74 -27.27
CA ALA D 148 -0.10 5.41 -25.95
C ALA D 148 -0.69 4.00 -25.88
N THR D 149 -1.27 3.55 -26.99
CA THR D 149 -1.93 2.26 -27.05
C THR D 149 -0.96 1.06 -27.07
N SER D 150 0.33 1.35 -27.30
CA SER D 150 1.41 0.35 -27.22
C SER D 150 2.41 0.63 -26.09
N GLY D 151 2.56 1.89 -25.68
CA GLY D 151 3.54 2.28 -24.70
C GLY D 151 4.75 2.97 -25.27
N ASP D 152 4.97 2.86 -26.58
CA ASP D 152 6.14 3.45 -27.20
C ASP D 152 6.23 4.92 -26.85
N GLY D 153 7.39 5.35 -26.37
CA GLY D 153 7.66 6.74 -26.01
C GLY D 153 7.41 7.16 -24.57
N LEU D 154 6.55 6.44 -23.85
CA LEU D 154 6.05 6.99 -22.56
C LEU D 154 7.12 7.04 -21.49
N TYR D 155 7.88 5.97 -21.32
CA TYR D 155 8.90 5.93 -20.28
C TYR D 155 10.07 6.82 -20.64
N GLU D 156 10.24 7.03 -21.94
CA GLU D 156 11.27 7.98 -22.42
C GLU D 156 10.92 9.40 -21.98
N GLY D 157 9.65 9.74 -22.00
CA GLY D 157 9.24 11.05 -21.46
C GLY D 157 9.53 11.19 -19.99
N LEU D 158 9.20 10.13 -19.24
CA LEU D 158 9.48 10.11 -17.80
C LEU D 158 10.99 10.26 -17.53
N ASP D 159 11.84 9.61 -18.35
CA ASP D 159 13.31 9.76 -18.17
C ASP D 159 13.71 11.20 -18.33
N TRP D 160 13.17 11.87 -19.35
CA TRP D 160 13.48 13.29 -19.50
C TRP D 160 12.97 14.09 -18.29
N LEU D 161 11.71 13.86 -17.91
CA LEU D 161 11.20 14.50 -16.70
C LEU D 161 12.06 14.20 -15.48
N ALA D 162 12.48 12.94 -15.33
CA ALA D 162 13.44 12.57 -14.27
C ALA D 162 14.75 13.39 -14.27
N ASN D 163 15.36 13.60 -15.43
CA ASN D 163 16.57 14.45 -15.52
C ASN D 163 16.35 15.87 -15.08
N GLN D 164 15.13 16.39 -15.25
CA GLN D 164 14.85 17.77 -14.82
C GLN D 164 14.75 17.91 -13.34
N LEU D 165 14.48 16.83 -12.65
CA LEU D 165 14.40 16.89 -11.20
C LEU D 165 15.80 16.96 -10.58
#